data_6TIA
#
_entry.id   6TIA
#
_cell.length_a   90.900
_cell.length_b   140.570
_cell.length_c   56.020
_cell.angle_alpha   90.000
_cell.angle_beta   90.000
_cell.angle_gamma   90.000
#
_symmetry.space_group_name_H-M   'P 21 21 2'
#
loop_
_entity.id
_entity.type
_entity.pdbx_description
1 polymer 'Interleukin-1 receptor-associated kinase 4'
2 non-polymer 4-(1-methylcyclopropyl)oxy-~{N}-[1-(1-methylpiperidin-4-yl)pyrazol-4-yl]-6-(1-methylpyrazol-4-yl)pyrido[3,2-d]pyrimidin-2-amine
3 water water
#
_entity_poly.entity_id   1
_entity_poly.type   'polypeptide(L)'
_entity_poly.pdbx_seq_one_letter_code
;GENKSLEVSDTRFHSFSFYELKNVTNNFDERPISVGGNKMGEGGFGVVYKGYVNNTTVAVKKLAAMVDITTEELKQQFDQ
EIKVMAKCQHENLVELLGFSSDGDDLCLVYVYMPNGSLLDRLSCLDGTPPLSWHMRCKIAQGAANGINFLHENHHIHRDI
KSANILLDEAFTAKISDFGLARASEKFAQTVM(TPO)(SEP)RIVGTTAYMAPEALRGEITPKSDIYSFGVVLLEIITGL
PAVDEHREPQLLLDIKEEIEDEEKTIEDYIDKKMNDADSTSVEAMYSVASQCLHEKKNKRPDIKKVQQLLQEMTAS
;
_entity_poly.pdbx_strand_id   A,B
#
loop_
_chem_comp.id
_chem_comp.type
_chem_comp.name
_chem_comp.formula
ND2 non-polymer 4-(1-methylcyclopropyl)oxy-~{N}-[1-(1-methylpiperidin-4-yl)pyrazol-4-yl]-6-(1-methylpyrazol-4-yl)pyrido[3,2-d]pyrimidin-2-amine 'C24 H29 N9 O'
#
# COMPACT_ATOMS: atom_id res chain seq x y z
N THR A 11 -25.94 -6.04 -14.15
CA THR A 11 -25.41 -6.52 -12.87
C THR A 11 -26.51 -6.48 -11.78
N ARG A 12 -26.56 -7.52 -10.91
CA ARG A 12 -27.54 -7.60 -9.84
C ARG A 12 -26.92 -7.61 -8.42
N PHE A 13 -27.54 -6.83 -7.52
CA PHE A 13 -27.15 -6.61 -6.13
C PHE A 13 -27.86 -7.53 -5.15
N HIS A 14 -27.23 -7.80 -4.00
CA HIS A 14 -27.82 -8.68 -3.01
C HIS A 14 -28.69 -7.88 -2.05
N SER A 15 -29.96 -8.27 -1.88
CA SER A 15 -30.86 -7.58 -0.96
C SER A 15 -30.60 -8.10 0.45
N PHE A 16 -29.94 -7.27 1.27
CA PHE A 16 -29.59 -7.59 2.65
C PHE A 16 -30.65 -7.08 3.60
N SER A 17 -30.72 -7.71 4.77
CA SER A 17 -31.57 -7.33 5.88
C SER A 17 -30.70 -6.46 6.77
N PHE A 18 -31.31 -5.49 7.45
CA PHE A 18 -30.60 -4.58 8.34
C PHE A 18 -29.88 -5.34 9.46
N TYR A 19 -30.51 -6.40 9.98
CA TYR A 19 -29.94 -7.22 11.06
C TYR A 19 -28.89 -8.19 10.51
N GLU A 20 -28.98 -8.52 9.22
CA GLU A 20 -28.03 -9.39 8.55
C GLU A 20 -26.76 -8.58 8.13
N LEU A 21 -26.84 -7.21 8.23
CA LEU A 21 -25.76 -6.25 8.00
C LEU A 21 -25.21 -5.76 9.35
N LYS A 22 -26.08 -5.69 10.37
CA LYS A 22 -25.76 -5.38 11.77
C LYS A 22 -24.83 -6.47 12.31
N ASN A 23 -24.90 -7.69 11.73
CA ASN A 23 -24.09 -8.83 12.12
C ASN A 23 -22.64 -8.73 11.64
N VAL A 24 -22.43 -8.36 10.37
CA VAL A 24 -21.11 -8.25 9.75
C VAL A 24 -20.32 -7.01 10.23
N THR A 25 -21.01 -6.00 10.75
CA THR A 25 -20.40 -4.74 11.23
C THR A 25 -20.37 -4.62 12.75
N ASN A 26 -20.65 -5.73 13.47
CA ASN A 26 -20.67 -5.79 14.93
C ASN A 26 -21.58 -4.68 15.52
N ASN A 27 -22.88 -4.73 15.16
CA ASN A 27 -23.95 -3.79 15.53
C ASN A 27 -23.62 -2.32 15.23
N PHE A 28 -22.98 -2.09 14.06
CA PHE A 28 -22.52 -0.79 13.57
C PHE A 28 -21.73 -0.04 14.65
N ASP A 29 -20.63 -0.70 15.12
CA ASP A 29 -19.72 -0.22 16.16
C ASP A 29 -19.12 1.15 15.76
N GLU A 30 -19.65 2.23 16.35
CA GLU A 30 -19.27 3.62 16.06
C GLU A 30 -17.84 4.02 16.51
N ARG A 31 -17.08 3.08 17.09
CA ARG A 31 -15.71 3.32 17.54
C ARG A 31 -14.74 3.18 16.35
N PRO A 32 -13.63 3.95 16.30
CA PRO A 32 -12.70 3.82 15.16
C PRO A 32 -12.06 2.44 15.02
N ILE A 33 -11.58 2.13 13.79
CA ILE A 33 -10.89 0.89 13.41
C ILE A 33 -9.65 0.65 14.30
N SER A 34 -8.82 1.70 14.50
CA SER A 34 -7.61 1.68 15.32
C SER A 34 -7.91 1.27 16.78
N VAL A 35 -9.04 1.77 17.33
CA VAL A 35 -9.54 1.50 18.69
C VAL A 35 -10.00 0.03 18.80
N GLY A 36 -10.64 -0.47 17.74
CA GLY A 36 -11.16 -1.82 17.67
C GLY A 36 -12.62 -1.86 17.24
N GLY A 37 -13.13 -0.71 16.81
CA GLY A 37 -14.49 -0.57 16.33
C GLY A 37 -14.64 -0.86 14.85
N ASN A 38 -15.78 -0.47 14.27
CA ASN A 38 -16.07 -0.72 12.86
C ASN A 38 -16.22 0.55 12.01
N LYS A 39 -16.37 1.74 12.66
CA LYS A 39 -16.46 3.03 11.98
C LYS A 39 -15.13 3.37 11.29
N MET A 40 -15.16 3.65 9.98
CA MET A 40 -13.92 4.01 9.30
C MET A 40 -13.93 5.43 8.72
N GLY A 41 -15.08 6.10 8.80
CA GLY A 41 -15.24 7.47 8.30
C GLY A 41 -16.66 7.94 8.16
N GLU A 42 -16.85 9.23 7.83
CA GLU A 42 -18.17 9.83 7.71
C GLU A 42 -18.26 11.00 6.74
N GLY A 43 -19.48 11.22 6.22
CA GLY A 43 -19.85 12.31 5.33
C GLY A 43 -21.03 13.10 5.88
N GLY A 44 -21.99 13.54 5.02
CA GLY A 44 -22.03 13.37 3.57
C GLY A 44 -22.30 11.97 3.05
N PHE A 45 -23.47 11.36 3.33
CA PHE A 45 -24.56 11.82 4.21
C PHE A 45 -24.70 10.91 5.44
N GLY A 46 -23.93 9.82 5.46
CA GLY A 46 -23.92 8.83 6.53
C GLY A 46 -22.54 8.40 7.00
N VAL A 47 -22.47 7.18 7.60
CA VAL A 47 -21.23 6.62 8.15
C VAL A 47 -20.78 5.33 7.44
N VAL A 48 -19.53 5.30 6.94
CA VAL A 48 -18.97 4.12 6.29
C VAL A 48 -18.41 3.18 7.41
N TYR A 49 -18.89 1.93 7.44
CA TYR A 49 -18.52 0.89 8.41
C TYR A 49 -17.79 -0.28 7.76
N LYS A 50 -16.86 -0.92 8.49
CA LYS A 50 -16.12 -2.10 8.02
C LYS A 50 -16.89 -3.37 8.37
N GLY A 51 -16.86 -4.31 7.43
CA GLY A 51 -17.49 -5.62 7.56
C GLY A 51 -16.74 -6.70 6.83
N TYR A 52 -17.09 -7.96 7.11
CA TYR A 52 -16.55 -9.15 6.47
C TYR A 52 -17.75 -10.06 6.21
N VAL A 53 -17.92 -10.49 4.95
CA VAL A 53 -19.01 -11.35 4.48
C VAL A 53 -18.55 -12.08 3.21
N ASN A 54 -18.84 -13.42 3.10
CA ASN A 54 -18.40 -14.31 2.00
C ASN A 54 -16.84 -14.39 1.97
N ASN A 55 -16.22 -14.30 3.18
CA ASN A 55 -14.77 -14.30 3.45
C ASN A 55 -14.02 -13.16 2.68
N THR A 56 -14.68 -12.01 2.54
CA THR A 56 -14.18 -10.80 1.87
C THR A 56 -14.51 -9.57 2.73
N THR A 57 -13.64 -8.56 2.75
CA THR A 57 -13.85 -7.34 3.53
C THR A 57 -14.74 -6.40 2.74
N VAL A 58 -15.77 -5.83 3.40
CA VAL A 58 -16.75 -4.92 2.79
C VAL A 58 -16.86 -3.59 3.54
N ALA A 59 -17.33 -2.56 2.82
CA ALA A 59 -17.63 -1.24 3.38
C ALA A 59 -19.14 -1.08 3.32
N VAL A 60 -19.77 -0.85 4.47
CA VAL A 60 -21.21 -0.66 4.61
C VAL A 60 -21.49 0.79 4.97
N LYS A 61 -22.14 1.56 4.07
CA LYS A 61 -22.47 2.94 4.41
C LYS A 61 -23.90 2.99 4.96
N LYS A 62 -24.05 3.51 6.19
CA LYS A 62 -25.32 3.67 6.88
C LYS A 62 -25.83 5.12 6.70
N LEU A 63 -26.88 5.29 5.87
CA LEU A 63 -27.46 6.59 5.52
C LEU A 63 -28.16 7.27 6.70
N ALA A 64 -27.79 8.54 6.96
CA ALA A 64 -28.33 9.35 8.04
C ALA A 64 -29.11 10.56 7.54
N ALA A 65 -30.29 10.84 8.14
CA ALA A 65 -31.14 11.96 7.75
C ALA A 65 -31.01 13.11 8.76
N ILE A 69 -32.44 18.78 3.81
CA ILE A 69 -31.84 17.45 3.83
C ILE A 69 -32.91 16.41 4.27
N THR A 70 -34.09 16.44 3.62
CA THR A 70 -35.23 15.56 3.96
C THR A 70 -34.97 14.09 3.64
N THR A 71 -35.60 13.20 4.44
CA THR A 71 -35.52 11.74 4.34
C THR A 71 -36.12 11.23 3.02
N GLU A 72 -37.03 12.02 2.41
CA GLU A 72 -37.63 11.67 1.13
C GLU A 72 -36.63 11.97 0.00
N GLU A 73 -35.85 13.06 0.14
CA GLU A 73 -34.80 13.44 -0.80
C GLU A 73 -33.56 12.51 -0.69
N LEU A 74 -33.29 12.01 0.55
CA LEU A 74 -32.21 11.05 0.88
C LEU A 74 -32.51 9.72 0.19
N LYS A 75 -33.79 9.27 0.25
CA LYS A 75 -34.27 8.04 -0.38
C LYS A 75 -34.09 8.10 -1.90
N GLN A 76 -34.26 9.31 -2.48
CA GLN A 76 -34.10 9.54 -3.92
C GLN A 76 -32.66 9.32 -4.33
N GLN A 77 -31.70 9.82 -3.50
CA GLN A 77 -30.26 9.69 -3.75
C GLN A 77 -29.81 8.22 -3.60
N PHE A 78 -30.40 7.50 -2.63
CA PHE A 78 -30.17 6.06 -2.41
C PHE A 78 -30.62 5.28 -3.66
N ASP A 79 -31.75 5.69 -4.25
CA ASP A 79 -32.32 5.12 -5.47
C ASP A 79 -31.47 5.45 -6.69
N GLN A 80 -31.06 6.75 -6.83
CA GLN A 80 -30.19 7.20 -7.92
C GLN A 80 -28.93 6.36 -7.91
N GLU A 81 -28.27 6.24 -6.72
CA GLU A 81 -27.09 5.40 -6.50
C GLU A 81 -27.25 4.01 -7.15
N ILE A 82 -28.33 3.29 -6.80
CA ILE A 82 -28.63 1.95 -7.31
C ILE A 82 -28.80 1.95 -8.84
N LYS A 83 -29.61 2.88 -9.36
CA LYS A 83 -29.89 3.03 -10.80
C LYS A 83 -28.57 3.17 -11.59
N VAL A 84 -27.67 4.08 -11.15
CA VAL A 84 -26.39 4.33 -11.83
C VAL A 84 -25.50 3.09 -11.72
N MET A 85 -25.43 2.52 -10.51
CA MET A 85 -24.59 1.35 -10.23
C MET A 85 -25.05 0.09 -10.97
N ALA A 86 -26.33 0.06 -11.38
CA ALA A 86 -26.88 -1.04 -12.16
C ALA A 86 -26.43 -0.95 -13.62
N LYS A 87 -26.36 0.28 -14.14
CA LYS A 87 -25.95 0.54 -15.52
C LYS A 87 -24.41 0.56 -15.67
N CYS A 88 -23.74 1.40 -14.86
CA CYS A 88 -22.30 1.65 -14.90
C CYS A 88 -21.46 0.68 -14.07
N GLN A 89 -20.36 0.15 -14.70
CA GLN A 89 -19.37 -0.78 -14.14
C GLN A 89 -18.05 -0.58 -14.91
N HIS A 90 -16.97 -0.14 -14.22
CA HIS A 90 -15.67 0.10 -14.86
C HIS A 90 -14.55 -0.08 -13.84
N GLU A 91 -13.30 -0.30 -14.31
CA GLU A 91 -12.08 -0.54 -13.52
C GLU A 91 -11.80 0.63 -12.57
N ASN A 92 -12.11 1.85 -13.02
CA ASN A 92 -11.90 3.07 -12.28
C ASN A 92 -13.20 3.60 -11.65
N LEU A 93 -14.13 2.68 -11.34
CA LEU A 93 -15.40 2.99 -10.66
C LEU A 93 -15.60 2.00 -9.52
N VAL A 94 -16.21 2.45 -8.41
CA VAL A 94 -16.50 1.56 -7.32
C VAL A 94 -17.61 0.61 -7.79
N GLU A 95 -17.67 -0.56 -7.17
CA GLU A 95 -18.65 -1.58 -7.50
C GLU A 95 -19.64 -1.72 -6.35
N LEU A 96 -20.94 -1.68 -6.64
CA LEU A 96 -21.91 -1.87 -5.57
C LEU A 96 -22.16 -3.36 -5.37
N LEU A 97 -22.08 -3.83 -4.10
CA LEU A 97 -22.32 -5.22 -3.71
C LEU A 97 -23.81 -5.51 -3.38
N GLY A 98 -24.40 -4.71 -2.49
CA GLY A 98 -25.81 -4.86 -2.11
C GLY A 98 -26.37 -3.70 -1.31
N PHE A 99 -27.60 -3.85 -0.80
CA PHE A 99 -28.27 -2.79 -0.02
C PHE A 99 -29.31 -3.32 0.97
N SER A 100 -29.68 -2.49 1.95
CA SER A 100 -30.67 -2.77 2.97
C SER A 100 -31.75 -1.68 2.89
N SER A 101 -32.96 -2.05 2.41
CA SER A 101 -34.09 -1.13 2.26
C SER A 101 -34.82 -0.85 3.60
N ASP A 102 -35.30 -1.91 4.28
CA ASP A 102 -35.99 -1.99 5.59
C ASP A 102 -36.84 -0.74 6.01
N GLY A 103 -37.19 -0.67 7.30
CA GLY A 103 -38.03 0.39 7.86
C GLY A 103 -37.27 1.60 8.36
N ASP A 104 -37.01 2.56 7.43
CA ASP A 104 -36.28 3.83 7.60
C ASP A 104 -34.75 3.63 7.82
N ASP A 105 -34.24 2.41 7.51
CA ASP A 105 -32.84 2.03 7.66
C ASP A 105 -32.27 1.72 6.28
N LEU A 106 -31.51 2.68 5.72
CA LEU A 106 -30.90 2.59 4.39
C LEU A 106 -29.39 2.40 4.47
N CYS A 107 -28.89 1.28 3.93
CA CYS A 107 -27.46 0.93 3.95
C CYS A 107 -27.02 0.45 2.59
N LEU A 108 -25.83 0.87 2.14
CA LEU A 108 -25.24 0.39 0.87
C LEU A 108 -23.93 -0.34 1.16
N VAL A 109 -23.69 -1.45 0.44
CA VAL A 109 -22.55 -2.36 0.64
C VAL A 109 -21.63 -2.30 -0.57
N TYR A 110 -20.34 -2.10 -0.31
CA TYR A 110 -19.32 -1.98 -1.34
C TYR A 110 -18.12 -2.85 -0.98
N VAL A 111 -17.19 -3.06 -1.92
CA VAL A 111 -15.98 -3.81 -1.58
C VAL A 111 -15.05 -2.84 -0.81
N TYR A 112 -14.38 -3.32 0.24
CA TYR A 112 -13.48 -2.51 1.05
C TYR A 112 -12.29 -2.03 0.23
N MET A 113 -12.00 -0.72 0.32
CA MET A 113 -10.88 -0.10 -0.38
C MET A 113 -9.72 -0.03 0.60
N PRO A 114 -8.69 -0.89 0.40
CA PRO A 114 -7.59 -0.95 1.37
C PRO A 114 -6.91 0.37 1.73
N ASN A 115 -6.89 1.30 0.78
CA ASN A 115 -6.25 2.60 0.96
C ASN A 115 -7.21 3.77 1.15
N GLY A 116 -8.48 3.48 1.44
CA GLY A 116 -9.50 4.49 1.74
C GLY A 116 -9.76 5.52 0.66
N SER A 117 -9.72 6.82 1.01
CA SER A 117 -9.97 7.88 0.06
C SER A 117 -8.72 8.70 -0.30
N LEU A 118 -8.74 9.36 -1.47
CA LEU A 118 -7.67 10.26 -1.92
C LEU A 118 -7.48 11.45 -0.93
N LEU A 119 -8.58 12.01 -0.41
CA LEU A 119 -8.59 13.10 0.58
C LEU A 119 -7.70 12.71 1.76
N ASP A 120 -7.92 11.49 2.30
CA ASP A 120 -7.25 10.93 3.47
C ASP A 120 -5.81 10.56 3.23
N ARG A 121 -5.46 10.09 2.03
CA ARG A 121 -4.08 9.74 1.70
C ARG A 121 -3.24 10.97 1.46
N LEU A 122 -3.87 12.07 0.96
CA LEU A 122 -3.21 13.36 0.75
C LEU A 122 -2.92 14.07 2.07
N SER A 123 -3.75 13.83 3.09
CA SER A 123 -3.57 14.42 4.40
C SER A 123 -2.77 13.50 5.34
N CYS A 124 -2.48 12.24 4.89
CA CYS A 124 -1.76 11.15 5.61
C CYS A 124 -2.45 10.80 6.90
N LEU A 125 -3.79 10.78 6.88
CA LEU A 125 -4.65 10.48 8.03
C LEU A 125 -4.32 9.08 8.49
N ASP A 126 -4.17 8.91 9.82
CA ASP A 126 -3.88 7.66 10.54
C ASP A 126 -2.45 7.18 10.32
N GLY A 127 -1.56 8.10 9.99
CA GLY A 127 -0.13 7.85 9.83
C GLY A 127 0.30 7.16 8.56
N THR A 128 -0.53 7.23 7.51
CA THR A 128 -0.20 6.61 6.23
C THR A 128 0.96 7.37 5.58
N PRO A 129 1.85 6.71 4.83
CA PRO A 129 2.97 7.46 4.24
C PRO A 129 2.48 8.40 3.15
N PRO A 130 3.16 9.54 2.90
CA PRO A 130 2.71 10.41 1.82
C PRO A 130 2.81 9.71 0.47
N LEU A 131 1.92 10.08 -0.46
CA LEU A 131 1.88 9.52 -1.79
C LEU A 131 2.99 10.17 -2.57
N SER A 132 3.71 9.35 -3.34
CA SER A 132 4.79 9.84 -4.21
C SER A 132 4.17 10.51 -5.45
N TRP A 133 4.96 11.35 -6.14
CA TRP A 133 4.50 12.00 -7.36
C TRP A 133 4.13 10.96 -8.43
N HIS A 134 4.86 9.81 -8.49
CA HIS A 134 4.53 8.74 -9.43
C HIS A 134 3.17 8.10 -9.10
N MET A 135 2.87 7.85 -7.81
CA MET A 135 1.57 7.30 -7.39
C MET A 135 0.45 8.34 -7.70
N ARG A 136 0.72 9.64 -7.53
CA ARG A 136 -0.21 10.74 -7.75
C ARG A 136 -0.61 10.90 -9.23
N CYS A 137 0.34 10.70 -10.17
CA CYS A 137 0.10 10.72 -11.62
C CYS A 137 -0.80 9.56 -12.05
N LYS A 138 -0.59 8.37 -11.48
CA LYS A 138 -1.40 7.19 -11.78
C LYS A 138 -2.81 7.32 -11.24
N ILE A 139 -2.95 7.92 -10.03
CA ILE A 139 -4.25 8.15 -9.38
C ILE A 139 -5.08 9.16 -10.22
N ALA A 140 -4.44 10.26 -10.75
CA ALA A 140 -5.03 11.28 -11.61
C ALA A 140 -5.48 10.69 -12.96
N GLN A 141 -4.62 9.82 -13.59
CA GLN A 141 -4.92 9.09 -14.83
C GLN A 141 -6.10 8.14 -14.63
N GLY A 142 -6.07 7.35 -13.55
CA GLY A 142 -7.12 6.41 -13.19
C GLY A 142 -8.46 7.10 -12.99
N ALA A 143 -8.46 8.23 -12.24
CA ALA A 143 -9.68 9.03 -11.97
C ALA A 143 -10.26 9.61 -13.27
N ALA A 144 -9.40 10.15 -14.17
CA ALA A 144 -9.81 10.70 -15.47
C ALA A 144 -10.39 9.60 -16.37
N ASN A 145 -9.91 8.33 -16.24
CA ASN A 145 -10.45 7.16 -16.97
C ASN A 145 -11.86 6.83 -16.48
N GLY A 146 -12.10 6.97 -15.17
CA GLY A 146 -13.38 6.74 -14.54
C GLY A 146 -14.42 7.78 -14.90
N ILE A 147 -13.97 9.05 -15.03
CA ILE A 147 -14.83 10.17 -15.44
C ILE A 147 -15.13 10.01 -16.94
N ASN A 148 -14.13 9.53 -17.72
CA ASN A 148 -14.29 9.26 -19.16
C ASN A 148 -15.36 8.23 -19.42
N PHE A 149 -15.40 7.15 -18.63
CA PHE A 149 -16.41 6.10 -18.76
C PHE A 149 -17.80 6.65 -18.48
N LEU A 150 -17.95 7.51 -17.45
CA LEU A 150 -19.23 8.11 -17.08
C LEU A 150 -19.71 9.11 -18.14
N HIS A 151 -18.78 9.88 -18.74
CA HIS A 151 -19.11 10.85 -19.78
C HIS A 151 -19.44 10.16 -21.12
N GLU A 152 -18.80 9.00 -21.41
CA GLU A 152 -19.08 8.17 -22.59
C GLU A 152 -20.43 7.45 -22.46
N ASN A 153 -20.85 7.13 -21.23
CA ASN A 153 -22.12 6.48 -20.90
C ASN A 153 -23.20 7.52 -20.57
N HIS A 154 -22.98 8.78 -21.03
CA HIS A 154 -23.88 9.93 -20.92
C HIS A 154 -24.38 10.19 -19.49
N HIS A 155 -23.43 10.20 -18.55
CA HIS A 155 -23.68 10.48 -17.15
C HIS A 155 -22.82 11.64 -16.70
N ILE A 156 -23.38 12.46 -15.78
CA ILE A 156 -22.73 13.61 -15.15
C ILE A 156 -22.79 13.24 -13.66
N HIS A 157 -21.60 13.14 -13.03
CA HIS A 157 -21.44 12.76 -11.63
C HIS A 157 -22.02 13.79 -10.68
N ARG A 158 -21.70 15.09 -10.88
CA ARG A 158 -22.15 16.25 -10.09
C ARG A 158 -21.51 16.38 -8.69
N ASP A 159 -20.57 15.49 -8.32
CA ASP A 159 -19.88 15.57 -7.03
C ASP A 159 -18.45 14.97 -7.06
N ILE A 160 -17.69 15.34 -8.11
CA ILE A 160 -16.31 14.90 -8.26
C ILE A 160 -15.50 15.68 -7.22
N LYS A 161 -14.93 14.94 -6.26
CA LYS A 161 -14.11 15.44 -5.17
C LYS A 161 -13.21 14.33 -4.65
N SER A 162 -12.08 14.70 -3.99
CA SER A 162 -11.08 13.77 -3.46
C SER A 162 -11.64 12.78 -2.44
N ALA A 163 -12.71 13.11 -1.70
CA ALA A 163 -13.32 12.17 -0.75
C ALA A 163 -14.14 11.06 -1.48
N ASN A 164 -14.42 11.26 -2.78
CA ASN A 164 -15.20 10.37 -3.63
C ASN A 164 -14.30 9.59 -4.61
N ILE A 165 -12.96 9.81 -4.52
CA ILE A 165 -11.98 9.06 -5.30
C ILE A 165 -11.34 8.14 -4.28
N LEU A 166 -11.80 6.88 -4.29
CA LEU A 166 -11.30 5.84 -3.38
C LEU A 166 -10.14 5.08 -4.02
N LEU A 167 -9.32 4.41 -3.20
CA LEU A 167 -8.11 3.72 -3.67
C LEU A 167 -8.04 2.31 -3.19
N ASP A 168 -7.65 1.40 -4.07
CA ASP A 168 -7.46 -0.02 -3.73
C ASP A 168 -5.98 -0.29 -3.36
N GLU A 169 -5.63 -1.56 -3.06
CA GLU A 169 -4.29 -2.02 -2.64
C GLU A 169 -3.15 -1.61 -3.59
N ALA A 170 -3.47 -1.41 -4.87
CA ALA A 170 -2.51 -1.04 -5.91
C ALA A 170 -2.52 0.47 -6.16
N PHE A 171 -3.41 1.19 -5.44
CA PHE A 171 -3.64 2.63 -5.56
C PHE A 171 -4.38 2.96 -6.85
N THR A 172 -5.25 2.02 -7.28
CA THR A 172 -6.07 2.21 -8.47
C THR A 172 -7.19 3.15 -8.04
N ALA A 173 -7.28 4.33 -8.71
CA ALA A 173 -8.30 5.36 -8.41
C ALA A 173 -9.66 4.84 -8.84
N LYS A 174 -10.63 4.82 -7.90
CA LYS A 174 -12.00 4.36 -8.11
C LYS A 174 -13.04 5.41 -7.67
N ILE A 175 -13.77 6.04 -8.65
CA ILE A 175 -14.83 7.06 -8.47
C ILE A 175 -16.00 6.43 -7.70
N SER A 176 -16.60 7.19 -6.75
CA SER A 176 -17.71 6.69 -5.93
C SER A 176 -18.77 7.77 -5.71
N ASP A 177 -19.86 7.46 -4.94
CA ASP A 177 -21.03 8.30 -4.63
C ASP A 177 -21.75 8.80 -5.89
N PHE A 178 -22.70 7.98 -6.39
CA PHE A 178 -23.47 8.29 -7.60
C PHE A 178 -24.90 8.74 -7.29
N GLY A 179 -25.16 9.07 -6.03
CA GLY A 179 -26.44 9.52 -5.52
C GLY A 179 -27.01 10.81 -6.10
N LEU A 180 -26.20 11.57 -6.87
CA LEU A 180 -26.59 12.82 -7.52
C LEU A 180 -26.35 12.78 -9.04
N ALA A 181 -25.80 11.68 -9.59
CA ALA A 181 -25.53 11.56 -11.02
C ALA A 181 -26.79 11.74 -11.92
N ARG A 182 -26.62 12.32 -13.14
CA ARG A 182 -27.68 12.62 -14.11
C ARG A 182 -27.31 12.16 -15.51
N ALA A 183 -28.32 11.68 -16.27
CA ALA A 183 -28.15 11.26 -17.67
C ALA A 183 -28.07 12.45 -18.68
N SER A 184 -27.75 12.14 -19.96
CA SER A 184 -27.62 13.11 -21.07
C SER A 184 -28.29 12.55 -22.34
N VAL A 191 -28.88 22.28 -20.24
CA VAL A 191 -29.88 21.83 -19.27
C VAL A 191 -29.86 22.71 -17.98
N MET A 192 -31.03 22.89 -17.33
CA MET A 192 -31.16 23.70 -16.12
C MET A 192 -31.89 22.94 -15.00
N TPO A 193 -31.71 23.39 -13.74
CA TPO A 193 -32.32 22.83 -12.54
CB TPO A 193 -31.51 21.62 -11.90
CG2 TPO A 193 -30.06 21.97 -11.41
OG1 TPO A 193 -32.22 21.04 -10.75
P TPO A 193 -33.24 19.89 -11.00
O1P TPO A 193 -33.37 19.14 -9.65
O2P TPO A 193 -34.63 20.51 -11.31
O3P TPO A 193 -32.91 19.02 -12.22
C TPO A 193 -32.54 23.89 -11.45
O TPO A 193 -31.73 24.81 -11.30
N SEP A 194 -33.61 23.73 -10.67
CA SEP A 194 -33.93 24.62 -9.56
CB SEP A 194 -35.42 24.67 -9.22
OG SEP A 194 -35.91 23.33 -9.06
C SEP A 194 -33.15 24.18 -8.32
O SEP A 194 -32.72 25.03 -7.55
P SEP A 194 -37.33 23.07 -9.67
O1P SEP A 194 -38.32 23.71 -8.68
O2P SEP A 194 -37.58 21.54 -9.71
O3P SEP A 194 -37.53 23.61 -11.13
N ARG A 195 -32.96 22.85 -8.15
CA ARG A 195 -32.25 22.24 -7.02
C ARG A 195 -30.75 22.08 -7.34
N ILE A 196 -29.96 23.05 -6.88
CA ILE A 196 -28.49 23.12 -7.05
C ILE A 196 -27.80 22.27 -5.98
N VAL A 197 -27.06 21.23 -6.43
CA VAL A 197 -26.36 20.27 -5.56
C VAL A 197 -24.89 20.02 -5.97
N GLY A 198 -24.10 19.59 -4.99
CA GLY A 198 -22.68 19.29 -5.14
C GLY A 198 -21.91 19.88 -4.00
N THR A 199 -20.56 19.84 -4.09
CA THR A 199 -19.69 20.42 -3.07
C THR A 199 -19.20 21.74 -3.59
N THR A 200 -19.51 22.78 -2.83
CA THR A 200 -19.29 24.19 -3.13
C THR A 200 -17.80 24.51 -3.47
N ALA A 201 -16.83 23.95 -2.74
CA ALA A 201 -15.43 24.18 -3.01
C ALA A 201 -14.94 23.57 -4.34
N TYR A 202 -15.77 22.71 -4.94
CA TYR A 202 -15.47 22.02 -6.19
C TYR A 202 -16.40 22.42 -7.35
N MET A 203 -17.45 23.22 -7.09
CA MET A 203 -18.43 23.53 -8.14
C MET A 203 -18.00 24.59 -9.15
N ALA A 204 -18.27 24.30 -10.43
CA ALA A 204 -17.99 25.21 -11.55
C ALA A 204 -18.89 26.45 -11.39
N PRO A 205 -18.48 27.67 -11.84
CA PRO A 205 -19.37 28.85 -11.69
C PRO A 205 -20.79 28.62 -12.25
N GLU A 206 -20.90 27.99 -13.42
CA GLU A 206 -22.20 27.68 -14.05
C GLU A 206 -23.02 26.63 -13.28
N ALA A 207 -22.34 25.72 -12.56
CA ALA A 207 -23.01 24.68 -11.79
C ALA A 207 -23.68 25.29 -10.57
N LEU A 208 -23.07 26.32 -9.98
CA LEU A 208 -23.60 27.10 -8.85
C LEU A 208 -24.79 27.96 -9.34
N ARG A 209 -24.88 28.16 -10.67
CA ARG A 209 -25.94 28.92 -11.37
C ARG A 209 -27.11 28.04 -11.84
N GLY A 210 -27.00 26.73 -11.61
CA GLY A 210 -28.06 25.79 -11.96
C GLY A 210 -27.90 25.02 -13.25
N GLU A 211 -26.77 25.18 -13.95
CA GLU A 211 -26.55 24.43 -15.20
C GLU A 211 -26.15 22.98 -14.91
N ILE A 212 -26.61 22.05 -15.77
CA ILE A 212 -26.27 20.64 -15.69
C ILE A 212 -25.53 20.28 -16.96
N THR A 213 -24.20 20.24 -16.88
CA THR A 213 -23.31 19.94 -18.00
C THR A 213 -22.12 19.07 -17.55
N PRO A 214 -21.65 18.06 -18.35
CA PRO A 214 -20.43 17.29 -17.96
C PRO A 214 -19.15 18.16 -17.97
N LYS A 215 -19.27 19.43 -18.41
CA LYS A 215 -18.20 20.43 -18.43
C LYS A 215 -17.92 20.92 -17.00
N SER A 216 -18.90 20.75 -16.10
CA SER A 216 -18.80 21.10 -14.68
C SER A 216 -17.92 20.06 -13.95
N ASP A 217 -18.07 18.76 -14.31
CA ASP A 217 -17.30 17.62 -13.77
C ASP A 217 -15.80 17.82 -14.00
N ILE A 218 -15.45 18.46 -15.12
CA ILE A 218 -14.09 18.82 -15.51
C ILE A 218 -13.55 19.87 -14.55
N TYR A 219 -14.34 20.91 -14.21
CA TYR A 219 -13.95 21.97 -13.27
C TYR A 219 -13.62 21.38 -11.91
N SER A 220 -14.49 20.48 -11.41
CA SER A 220 -14.36 19.79 -10.13
C SER A 220 -13.11 18.91 -10.09
N PHE A 221 -12.75 18.28 -11.25
CA PHE A 221 -11.57 17.45 -11.38
C PHE A 221 -10.32 18.31 -11.36
N GLY A 222 -10.43 19.56 -11.83
CA GLY A 222 -9.37 20.54 -11.82
C GLY A 222 -8.96 20.90 -10.41
N VAL A 223 -9.95 20.92 -9.46
CA VAL A 223 -9.75 21.17 -8.03
C VAL A 223 -9.02 19.94 -7.40
N VAL A 224 -9.47 18.72 -7.77
CA VAL A 224 -8.92 17.44 -7.34
C VAL A 224 -7.43 17.37 -7.71
N LEU A 225 -7.06 17.89 -8.88
CA LEU A 225 -5.69 17.96 -9.38
C LEU A 225 -4.84 18.95 -8.62
N LEU A 226 -5.42 20.08 -8.18
CA LEU A 226 -4.69 21.05 -7.38
C LEU A 226 -4.44 20.46 -5.99
N GLU A 227 -5.33 19.57 -5.52
CA GLU A 227 -5.19 18.86 -4.25
C GLU A 227 -4.03 17.84 -4.34
N ILE A 228 -3.84 17.21 -5.53
CA ILE A 228 -2.80 16.22 -5.80
C ILE A 228 -1.44 16.92 -5.85
N ILE A 229 -1.37 18.14 -6.41
CA ILE A 229 -0.15 18.91 -6.53
C ILE A 229 0.29 19.49 -5.19
N THR A 230 -0.65 20.03 -4.43
CA THR A 230 -0.41 20.76 -3.19
C THR A 230 -0.57 19.98 -1.89
N GLY A 231 -1.43 18.95 -1.89
CA GLY A 231 -1.75 18.17 -0.70
C GLY A 231 -2.61 18.96 0.25
N LEU A 232 -3.14 20.12 -0.21
CA LEU A 232 -4.00 21.03 0.58
C LEU A 232 -5.48 20.72 0.37
N PRO A 233 -6.35 20.96 1.37
CA PRO A 233 -7.79 20.73 1.14
C PRO A 233 -8.38 21.82 0.26
N ALA A 234 -9.48 21.48 -0.43
CA ALA A 234 -10.20 22.37 -1.35
C ALA A 234 -10.70 23.64 -0.67
N VAL A 235 -11.00 23.55 0.63
CA VAL A 235 -11.48 24.68 1.41
C VAL A 235 -10.94 24.63 2.81
N ASP A 236 -10.34 25.73 3.22
CA ASP A 236 -9.81 25.91 4.56
C ASP A 236 -10.20 27.34 4.93
N GLU A 237 -11.22 27.49 5.80
CA GLU A 237 -11.74 28.80 6.23
C GLU A 237 -10.68 29.73 6.80
N HIS A 238 -9.64 29.15 7.47
CA HIS A 238 -8.48 29.83 8.07
C HIS A 238 -7.28 29.83 7.10
N ARG A 239 -7.49 30.22 5.83
CA ARG A 239 -6.44 30.23 4.81
C ARG A 239 -6.68 31.32 3.78
N GLU A 240 -5.57 31.89 3.27
CA GLU A 240 -5.60 32.90 2.23
C GLU A 240 -4.92 32.32 0.96
N PRO A 241 -5.70 31.89 -0.08
CA PRO A 241 -7.17 31.95 -0.19
C PRO A 241 -7.91 30.76 0.42
N GLN A 242 -9.19 30.97 0.83
CA GLN A 242 -10.03 29.95 1.47
C GLN A 242 -10.32 28.79 0.52
N LEU A 243 -10.62 29.10 -0.75
CA LEU A 243 -10.87 28.10 -1.78
C LEU A 243 -9.59 27.88 -2.56
N LEU A 244 -9.16 26.60 -2.64
CA LEU A 244 -7.95 26.17 -3.33
C LEU A 244 -7.95 26.59 -4.80
N LEU A 245 -9.13 26.68 -5.44
CA LEU A 245 -9.26 27.08 -6.85
C LEU A 245 -8.75 28.51 -7.12
N ASP A 246 -8.68 29.33 -6.05
CA ASP A 246 -8.22 30.70 -6.12
C ASP A 246 -6.69 30.84 -6.22
N ILE A 247 -5.93 29.77 -5.85
CA ILE A 247 -4.46 29.79 -5.99
C ILE A 247 -4.08 29.97 -7.49
N LYS A 248 -5.00 29.58 -8.42
CA LYS A 248 -4.86 29.71 -9.87
C LYS A 248 -4.63 31.18 -10.23
N GLU A 249 -5.43 32.07 -9.64
CA GLU A 249 -5.34 33.52 -9.87
C GLU A 249 -4.07 34.10 -9.28
N GLU A 250 -3.68 33.69 -8.06
CA GLU A 250 -2.44 34.10 -7.39
C GLU A 250 -1.21 33.79 -8.22
N ILE A 251 -1.22 32.67 -8.94
CA ILE A 251 -0.12 32.21 -9.78
C ILE A 251 -0.09 33.04 -11.08
N GLU A 252 -1.26 33.20 -11.74
CA GLU A 252 -1.41 34.00 -12.97
C GLU A 252 -1.00 35.47 -12.73
N ASP A 253 -1.31 36.01 -11.54
CA ASP A 253 -0.97 37.37 -11.11
C ASP A 253 0.48 37.49 -10.61
N GLU A 254 1.27 36.39 -10.69
CA GLU A 254 2.65 36.28 -10.21
C GLU A 254 2.81 36.68 -8.72
N GLU A 255 1.69 36.58 -7.94
CA GLU A 255 1.66 36.85 -6.48
C GLU A 255 2.38 35.72 -5.73
N LYS A 256 2.31 34.50 -6.30
CA LYS A 256 2.90 33.25 -5.83
C LYS A 256 3.26 32.39 -7.05
N THR A 257 4.13 31.38 -6.89
CA THR A 257 4.50 30.49 -8.00
C THR A 257 3.93 29.09 -7.76
N ILE A 258 4.06 28.19 -8.77
CA ILE A 258 3.65 26.79 -8.60
C ILE A 258 4.55 26.12 -7.54
N GLU A 259 5.88 26.46 -7.52
CA GLU A 259 6.87 25.94 -6.57
C GLU A 259 6.50 26.21 -5.12
N ASP A 260 5.85 27.35 -4.86
CA ASP A 260 5.40 27.76 -3.53
C ASP A 260 4.29 26.85 -3.01
N TYR A 261 3.52 26.26 -3.94
CA TYR A 261 2.35 25.46 -3.64
C TYR A 261 2.58 23.94 -3.73
N ILE A 262 3.64 23.49 -4.40
CA ILE A 262 3.95 22.05 -4.51
C ILE A 262 4.05 21.40 -3.11
N ASP A 263 3.36 20.25 -2.92
CA ASP A 263 3.39 19.47 -1.69
C ASP A 263 4.84 19.13 -1.34
N LYS A 264 5.27 19.52 -0.14
CA LYS A 264 6.65 19.29 0.32
C LYS A 264 6.87 17.88 0.81
N LYS A 265 5.79 17.07 0.90
CA LYS A 265 5.83 15.67 1.32
C LYS A 265 6.07 14.71 0.14
N MET A 266 6.97 15.10 -0.78
CA MET A 266 7.37 14.31 -1.95
C MET A 266 8.86 14.50 -2.17
N ASN A 267 9.56 13.45 -2.65
CA ASN A 267 10.99 13.55 -3.02
C ASN A 267 11.19 13.29 -4.54
N ASP A 268 10.16 12.74 -5.22
CA ASP A 268 10.21 12.35 -6.64
C ASP A 268 9.44 13.27 -7.61
N ALA A 269 9.04 14.47 -7.15
CA ALA A 269 8.29 15.44 -7.96
C ALA A 269 9.15 16.35 -8.85
N ASP A 270 9.30 15.98 -10.13
CA ASP A 270 10.06 16.83 -11.06
C ASP A 270 9.24 18.03 -11.48
N SER A 271 9.89 19.21 -11.47
CA SER A 271 9.34 20.53 -11.78
C SER A 271 8.60 20.61 -13.11
N THR A 272 9.01 19.79 -14.10
CA THR A 272 8.44 19.76 -15.42
C THR A 272 7.06 19.09 -15.41
N SER A 273 6.96 17.88 -14.81
CA SER A 273 5.69 17.15 -14.77
C SER A 273 4.69 17.72 -13.75
N VAL A 274 5.17 18.48 -12.72
CA VAL A 274 4.29 19.13 -11.75
C VAL A 274 3.57 20.25 -12.47
N GLU A 275 4.35 21.09 -13.20
CA GLU A 275 3.85 22.19 -14.01
C GLU A 275 3.02 21.67 -15.18
N ALA A 276 3.27 20.43 -15.64
CA ALA A 276 2.46 19.81 -16.69
C ALA A 276 1.10 19.43 -16.11
N MET A 277 1.06 18.96 -14.85
CA MET A 277 -0.22 18.64 -14.21
C MET A 277 -0.98 19.91 -13.83
N TYR A 278 -0.26 20.99 -13.45
CA TYR A 278 -0.86 22.26 -13.10
C TYR A 278 -1.55 22.89 -14.29
N SER A 279 -0.95 22.75 -15.48
CA SER A 279 -1.46 23.22 -16.78
C SER A 279 -2.82 22.55 -17.06
N VAL A 280 -2.94 21.23 -16.82
CA VAL A 280 -4.19 20.46 -16.99
C VAL A 280 -5.25 20.96 -15.98
N ALA A 281 -4.86 21.20 -14.72
CA ALA A 281 -5.75 21.69 -13.69
C ALA A 281 -6.24 23.08 -14.05
N SER A 282 -5.31 24.01 -14.42
CA SER A 282 -5.54 25.40 -14.86
C SER A 282 -6.57 25.46 -16.00
N GLN A 283 -6.46 24.53 -16.99
CA GLN A 283 -7.37 24.43 -18.14
C GLN A 283 -8.74 23.93 -17.73
N CYS A 284 -8.79 22.93 -16.81
CA CYS A 284 -10.03 22.36 -16.26
C CYS A 284 -10.79 23.46 -15.52
N LEU A 285 -10.04 24.37 -14.88
CA LEU A 285 -10.54 25.49 -14.06
C LEU A 285 -10.86 26.78 -14.81
N HIS A 286 -11.17 26.66 -16.11
CA HIS A 286 -11.54 27.83 -16.89
C HIS A 286 -12.93 28.27 -16.47
N GLU A 287 -13.16 29.58 -16.37
CA GLU A 287 -14.43 30.20 -15.98
C GLU A 287 -15.50 29.87 -17.03
N LYS A 288 -15.09 29.84 -18.32
CA LYS A 288 -15.92 29.58 -19.49
C LYS A 288 -15.94 28.08 -19.76
N LYS A 289 -17.07 27.41 -19.49
CA LYS A 289 -17.26 25.97 -19.67
C LYS A 289 -16.83 25.44 -21.03
N ASN A 290 -16.99 26.25 -22.08
CA ASN A 290 -16.68 25.87 -23.46
C ASN A 290 -15.19 25.94 -23.79
N LYS A 291 -14.45 26.82 -23.09
CA LYS A 291 -12.99 26.97 -23.27
C LYS A 291 -12.17 25.90 -22.50
N ARG A 292 -12.88 25.03 -21.71
CA ARG A 292 -12.36 23.91 -20.91
C ARG A 292 -12.17 22.67 -21.79
N PRO A 293 -11.15 21.82 -21.53
CA PRO A 293 -11.00 20.61 -22.33
C PRO A 293 -12.01 19.53 -21.92
N ASP A 294 -12.36 18.62 -22.84
CA ASP A 294 -13.26 17.52 -22.50
C ASP A 294 -12.44 16.43 -21.78
N ILE A 295 -13.11 15.44 -21.17
CA ILE A 295 -12.44 14.40 -20.41
C ILE A 295 -11.45 13.60 -21.28
N LYS A 296 -11.72 13.50 -22.59
CA LYS A 296 -10.85 12.82 -23.56
C LYS A 296 -9.53 13.59 -23.77
N LYS A 297 -9.58 14.94 -23.76
CA LYS A 297 -8.39 15.77 -23.86
C LYS A 297 -7.60 15.69 -22.53
N VAL A 298 -8.32 15.71 -21.37
CA VAL A 298 -7.77 15.59 -20.01
C VAL A 298 -6.92 14.31 -19.95
N GLN A 299 -7.50 13.14 -20.30
CA GLN A 299 -6.86 11.81 -20.35
C GLN A 299 -5.60 11.83 -21.23
N GLN A 300 -5.69 12.51 -22.39
CA GLN A 300 -4.62 12.66 -23.37
C GLN A 300 -3.47 13.50 -22.80
N LEU A 301 -3.79 14.54 -22.03
CA LEU A 301 -2.77 15.42 -21.43
C LEU A 301 -2.05 14.75 -20.25
N LEU A 302 -2.82 14.02 -19.41
CA LEU A 302 -2.33 13.28 -18.24
C LEU A 302 -1.42 12.13 -18.67
N GLN A 303 -1.72 11.50 -19.81
CA GLN A 303 -0.93 10.43 -20.41
C GLN A 303 0.40 10.98 -20.94
N GLU A 304 0.35 12.17 -21.58
CA GLU A 304 1.50 12.89 -22.15
C GLU A 304 2.42 13.47 -21.06
N MET A 305 1.89 13.54 -19.84
CA MET A 305 2.59 14.06 -18.66
C MET A 305 3.59 12.99 -18.11
N THR A 306 3.26 11.66 -18.23
CA THR A 306 4.15 10.56 -17.82
C THR A 306 4.94 10.03 -19.06
N ALA A 307 5.72 10.95 -19.68
CA ALA A 307 6.55 10.68 -20.87
C ALA A 307 7.90 11.39 -20.77
N ARG B 12 12.05 1.00 -14.32
CA ARG B 12 13.19 0.61 -15.18
C ARG B 12 14.52 0.82 -14.46
N PHE B 13 15.45 -0.14 -14.65
CA PHE B 13 16.75 -0.18 -13.98
C PHE B 13 17.89 0.48 -14.75
N HIS B 14 18.88 0.98 -13.99
CA HIS B 14 20.07 1.66 -14.45
C HIS B 14 21.17 0.66 -14.70
N SER B 15 21.67 0.63 -15.92
CA SER B 15 22.72 -0.28 -16.32
C SER B 15 24.07 0.31 -15.93
N PHE B 16 24.71 -0.28 -14.90
CA PHE B 16 26.01 0.15 -14.40
C PHE B 16 27.11 -0.69 -15.03
N SER B 17 28.31 -0.13 -15.06
CA SER B 17 29.51 -0.77 -15.53
C SER B 17 30.19 -1.32 -14.28
N PHE B 18 30.90 -2.44 -14.43
CA PHE B 18 31.65 -3.07 -13.35
C PHE B 18 32.73 -2.13 -12.80
N TYR B 19 33.25 -1.24 -13.69
CA TYR B 19 34.24 -0.20 -13.39
C TYR B 19 33.62 0.86 -12.45
N GLU B 20 32.43 1.36 -12.81
CA GLU B 20 31.68 2.35 -12.06
C GLU B 20 31.38 1.81 -10.65
N LEU B 21 30.95 0.53 -10.58
CA LEU B 21 30.69 -0.12 -9.30
C LEU B 21 31.98 -0.36 -8.51
N LYS B 22 33.10 -0.60 -9.22
CA LYS B 22 34.40 -0.80 -8.57
C LYS B 22 34.90 0.53 -7.99
N ASN B 23 34.50 1.65 -8.60
CA ASN B 23 34.88 2.99 -8.17
C ASN B 23 34.14 3.46 -6.90
N VAL B 24 32.80 3.24 -6.84
CA VAL B 24 31.95 3.67 -5.73
C VAL B 24 32.14 2.79 -4.48
N THR B 25 32.65 1.54 -4.65
CA THR B 25 32.86 0.57 -3.56
C THR B 25 34.31 0.40 -3.18
N ASN B 26 35.20 1.29 -3.68
CA ASN B 26 36.64 1.25 -3.42
C ASN B 26 37.24 -0.15 -3.75
N ASN B 27 37.11 -0.57 -5.03
CA ASN B 27 37.55 -1.85 -5.58
C ASN B 27 37.01 -3.06 -4.84
N PHE B 28 35.73 -2.99 -4.41
CA PHE B 28 35.01 -4.00 -3.64
C PHE B 28 35.83 -4.46 -2.42
N ASP B 29 36.16 -3.48 -1.57
CA ASP B 29 36.94 -3.65 -0.34
C ASP B 29 36.26 -4.65 0.62
N GLU B 30 36.77 -5.88 0.66
CA GLU B 30 36.22 -6.98 1.48
C GLU B 30 36.41 -6.82 3.00
N ARG B 31 36.99 -5.71 3.45
CA ARG B 31 37.18 -5.43 4.88
C ARG B 31 35.90 -4.84 5.48
N PRO B 32 35.57 -5.09 6.77
CA PRO B 32 34.34 -4.51 7.34
C PRO B 32 34.30 -2.98 7.37
N ILE B 33 33.08 -2.42 7.45
CA ILE B 33 32.78 -0.98 7.53
C ILE B 33 33.50 -0.33 8.73
N SER B 34 33.41 -0.97 9.92
CA SER B 34 34.05 -0.51 11.16
C SER B 34 35.59 -0.37 11.02
N VAL B 35 36.21 -1.33 10.30
CA VAL B 35 37.66 -1.40 10.00
C VAL B 35 38.05 -0.25 9.05
N GLY B 36 37.19 0.02 8.07
CA GLY B 36 37.39 1.06 7.07
C GLY B 36 37.19 0.55 5.67
N GLY B 37 36.67 -0.67 5.56
CA GLY B 37 36.37 -1.32 4.29
C GLY B 37 34.98 -0.99 3.77
N ASN B 38 34.51 -1.76 2.78
CA ASN B 38 33.21 -1.55 2.14
C ASN B 38 32.22 -2.71 2.34
N LYS B 39 32.72 -3.89 2.77
CA LYS B 39 31.89 -5.07 3.06
C LYS B 39 30.97 -4.81 4.25
N MET B 40 29.65 -5.00 4.08
CA MET B 40 28.73 -4.78 5.21
C MET B 40 27.98 -6.05 5.62
N GLY B 41 28.11 -7.11 4.81
CA GLY B 41 27.50 -8.41 5.09
C GLY B 41 27.63 -9.41 3.97
N GLU B 42 27.31 -10.67 4.26
CA GLU B 42 27.34 -11.84 3.36
C GLU B 42 25.90 -12.29 3.14
N GLY B 43 25.64 -12.90 1.99
CA GLY B 43 24.31 -13.34 1.60
C GLY B 43 24.24 -14.67 0.87
N GLY B 44 23.30 -14.78 -0.05
CA GLY B 44 23.07 -15.98 -0.84
C GLY B 44 22.87 -15.77 -2.33
N PHE B 45 23.94 -15.83 -3.13
CA PHE B 45 25.32 -16.03 -2.69
C PHE B 45 26.08 -14.77 -3.14
N GLY B 46 26.75 -14.13 -2.19
CA GLY B 46 27.49 -12.91 -2.46
C GLY B 46 27.62 -11.97 -1.30
N VAL B 47 28.57 -11.06 -1.39
CA VAL B 47 28.83 -10.05 -0.36
C VAL B 47 28.05 -8.77 -0.69
N VAL B 48 27.63 -8.03 0.34
CA VAL B 48 26.92 -6.76 0.20
C VAL B 48 27.88 -5.67 0.59
N TYR B 49 28.22 -4.81 -0.39
CA TYR B 49 29.20 -3.73 -0.28
C TYR B 49 28.52 -2.42 -0.31
N LYS B 50 29.06 -1.50 0.49
CA LYS B 50 28.59 -0.10 0.60
C LYS B 50 29.22 0.71 -0.53
N GLY B 51 28.41 1.49 -1.20
CA GLY B 51 28.84 2.38 -2.25
C GLY B 51 28.24 3.76 -2.08
N TYR B 52 28.67 4.69 -2.91
CA TYR B 52 28.16 6.05 -2.95
C TYR B 52 28.20 6.49 -4.38
N VAL B 53 27.05 6.42 -5.05
CA VAL B 53 26.87 6.86 -6.43
C VAL B 53 26.16 8.18 -6.29
N ASN B 54 26.49 9.15 -7.17
CA ASN B 54 25.92 10.50 -7.20
C ASN B 54 26.12 11.17 -5.83
N ASN B 55 25.03 11.19 -5.05
CA ASN B 55 24.90 11.78 -3.71
C ASN B 55 24.11 10.81 -2.82
N THR B 56 24.01 9.56 -3.28
CA THR B 56 23.23 8.46 -2.73
C THR B 56 24.11 7.32 -2.21
N THR B 57 23.83 6.84 -0.99
CA THR B 57 24.46 5.63 -0.47
C THR B 57 23.69 4.45 -1.09
N VAL B 58 24.43 3.49 -1.62
CA VAL B 58 23.89 2.31 -2.29
C VAL B 58 24.50 1.03 -1.68
N ALA B 59 23.78 -0.09 -1.84
CA ALA B 59 24.23 -1.41 -1.47
C ALA B 59 24.43 -2.16 -2.77
N VAL B 60 25.68 -2.62 -3.01
CA VAL B 60 26.04 -3.36 -4.23
C VAL B 60 26.28 -4.83 -3.87
N LYS B 61 25.45 -5.74 -4.40
CA LYS B 61 25.67 -7.15 -4.14
C LYS B 61 26.52 -7.76 -5.24
N LYS B 62 27.72 -8.30 -4.88
CA LYS B 62 28.63 -8.95 -5.81
C LYS B 62 28.45 -10.46 -5.70
N LEU B 63 27.85 -11.08 -6.74
CA LEU B 63 27.53 -12.51 -6.79
C LEU B 63 28.76 -13.43 -6.81
N ALA B 64 28.78 -14.40 -5.88
CA ALA B 64 29.87 -15.35 -5.71
C ALA B 64 29.45 -16.80 -6.02
N ALA B 65 30.33 -17.56 -6.71
CA ALA B 65 30.09 -18.97 -7.06
C ALA B 65 30.94 -19.90 -6.21
N ILE B 69 25.23 -23.46 -6.45
CA ILE B 69 26.67 -23.18 -6.28
C ILE B 69 27.42 -23.24 -7.65
N THR B 70 26.69 -23.43 -8.80
CA THR B 70 27.31 -23.51 -10.15
C THR B 70 27.50 -22.08 -10.76
N THR B 71 27.09 -21.88 -12.02
CA THR B 71 27.20 -20.59 -12.73
C THR B 71 25.92 -20.38 -13.53
N GLU B 72 25.44 -21.44 -14.23
CA GLU B 72 24.19 -21.44 -14.99
C GLU B 72 23.02 -21.87 -14.10
N GLU B 73 23.07 -21.40 -12.84
CA GLU B 73 22.10 -21.57 -11.74
C GLU B 73 22.16 -20.24 -11.03
N LEU B 74 23.39 -19.70 -10.87
CA LEU B 74 23.69 -18.40 -10.27
C LEU B 74 23.19 -17.29 -11.19
N LYS B 75 23.50 -17.37 -12.49
CA LYS B 75 23.07 -16.42 -13.51
C LYS B 75 21.53 -16.41 -13.61
N GLN B 76 20.90 -17.56 -13.32
CA GLN B 76 19.45 -17.74 -13.35
C GLN B 76 18.81 -16.96 -12.19
N GLN B 77 19.44 -16.98 -11.00
CA GLN B 77 19.00 -16.24 -9.81
C GLN B 77 19.08 -14.76 -10.05
N PHE B 78 20.18 -14.30 -10.72
CA PHE B 78 20.45 -12.91 -11.12
C PHE B 78 19.34 -12.43 -12.03
N ASP B 79 18.93 -13.29 -12.95
CA ASP B 79 17.88 -13.05 -13.91
C ASP B 79 16.50 -13.03 -13.27
N GLN B 80 16.18 -14.04 -12.42
CA GLN B 80 14.91 -14.17 -11.69
C GLN B 80 14.67 -12.93 -10.82
N GLU B 81 15.72 -12.42 -10.16
CA GLU B 81 15.69 -11.20 -9.37
C GLU B 81 15.23 -10.03 -10.26
N ILE B 82 15.94 -9.75 -11.40
CA ILE B 82 15.58 -8.68 -12.34
C ILE B 82 14.12 -8.83 -12.76
N LYS B 83 13.73 -10.07 -13.19
CA LYS B 83 12.38 -10.46 -13.61
C LYS B 83 11.32 -10.08 -12.56
N VAL B 84 11.37 -10.69 -11.36
CA VAL B 84 10.48 -10.43 -10.23
C VAL B 84 10.46 -8.91 -9.88
N MET B 85 11.66 -8.23 -9.76
CA MET B 85 11.77 -6.78 -9.49
C MET B 85 11.12 -5.88 -10.53
N ALA B 86 11.17 -6.30 -11.81
CA ALA B 86 10.57 -5.54 -12.91
C ALA B 86 9.04 -5.56 -12.84
N LYS B 87 8.47 -6.63 -12.26
CA LYS B 87 7.02 -6.81 -12.11
C LYS B 87 6.51 -6.28 -10.77
N CYS B 88 7.16 -6.73 -9.68
CA CYS B 88 6.81 -6.51 -8.29
C CYS B 88 7.41 -5.26 -7.69
N GLN B 89 6.57 -4.24 -7.56
CA GLN B 89 6.90 -2.97 -6.96
C GLN B 89 5.87 -2.71 -5.87
N HIS B 90 6.31 -2.62 -4.60
CA HIS B 90 5.42 -2.36 -3.47
C HIS B 90 6.23 -1.68 -2.36
N GLU B 91 5.52 -1.01 -1.41
CA GLU B 91 6.07 -0.27 -0.28
C GLU B 91 6.92 -1.17 0.62
N ASN B 92 6.52 -2.42 0.78
CA ASN B 92 7.17 -3.41 1.64
C ASN B 92 7.99 -4.43 0.86
N LEU B 93 8.52 -4.02 -0.29
CA LEU B 93 9.47 -4.79 -1.07
C LEU B 93 10.65 -3.85 -1.38
N VAL B 94 11.89 -4.39 -1.41
CA VAL B 94 13.10 -3.64 -1.82
C VAL B 94 12.99 -3.22 -3.30
N GLU B 95 13.62 -2.11 -3.64
CA GLU B 95 13.67 -1.61 -5.00
C GLU B 95 15.12 -1.73 -5.52
N LEU B 96 15.26 -2.40 -6.66
CA LEU B 96 16.53 -2.59 -7.34
C LEU B 96 16.77 -1.35 -8.19
N LEU B 97 17.90 -0.65 -7.95
CA LEU B 97 18.28 0.55 -8.68
C LEU B 97 18.83 0.13 -10.03
N GLY B 98 19.76 -0.81 -10.01
CA GLY B 98 20.40 -1.27 -11.22
C GLY B 98 21.27 -2.50 -11.09
N PHE B 99 21.99 -2.80 -12.16
CA PHE B 99 22.82 -4.00 -12.25
C PHE B 99 24.02 -3.82 -13.18
N SER B 100 24.95 -4.78 -13.12
CA SER B 100 26.16 -4.84 -13.93
C SER B 100 26.47 -6.28 -14.32
N SER B 101 26.54 -6.52 -15.64
CA SER B 101 26.92 -7.81 -16.21
C SER B 101 28.20 -7.63 -17.05
N ASP B 102 29.30 -8.22 -16.55
CA ASP B 102 30.63 -8.20 -17.14
C ASP B 102 30.98 -9.57 -17.74
N GLY B 103 30.21 -10.59 -17.33
CA GLY B 103 30.36 -11.99 -17.70
C GLY B 103 30.61 -12.80 -16.45
N ASP B 104 31.88 -12.78 -15.97
CA ASP B 104 32.34 -13.45 -14.75
C ASP B 104 32.09 -12.58 -13.49
N ASP B 105 31.54 -11.37 -13.70
CA ASP B 105 31.23 -10.41 -12.65
C ASP B 105 29.78 -9.94 -12.78
N LEU B 106 28.95 -10.30 -11.81
CA LEU B 106 27.53 -9.96 -11.76
C LEU B 106 27.26 -9.12 -10.52
N CYS B 107 26.56 -7.98 -10.68
CA CYS B 107 26.23 -7.09 -9.57
C CYS B 107 24.81 -6.61 -9.59
N LEU B 108 24.20 -6.46 -8.40
CA LEU B 108 22.84 -5.92 -8.18
C LEU B 108 22.99 -4.74 -7.25
N VAL B 109 22.35 -3.61 -7.57
CA VAL B 109 22.49 -2.35 -6.86
C VAL B 109 21.15 -1.98 -6.31
N TYR B 110 21.13 -1.67 -5.01
CA TYR B 110 19.92 -1.29 -4.27
C TYR B 110 20.18 0.00 -3.53
N VAL B 111 19.14 0.63 -3.03
CA VAL B 111 19.35 1.80 -2.19
C VAL B 111 19.80 1.24 -0.82
N TYR B 112 20.75 1.90 -0.16
CA TYR B 112 21.25 1.51 1.15
C TYR B 112 20.13 1.61 2.16
N MET B 113 19.97 0.56 2.98
CA MET B 113 18.95 0.54 4.01
C MET B 113 19.61 0.99 5.29
N PRO B 114 19.31 2.22 5.77
CA PRO B 114 20.00 2.73 6.96
C PRO B 114 19.97 1.86 8.20
N ASN B 115 18.90 1.06 8.35
CA ASN B 115 18.75 0.18 9.48
C ASN B 115 19.04 -1.31 9.17
N GLY B 116 19.60 -1.61 8.00
CA GLY B 116 20.09 -2.94 7.64
C GLY B 116 19.04 -4.00 7.59
N SER B 117 19.25 -5.13 8.27
CA SER B 117 18.29 -6.21 8.28
C SER B 117 17.68 -6.42 9.64
N LEU B 118 16.50 -7.03 9.66
CA LEU B 118 15.79 -7.39 10.86
C LEU B 118 16.64 -8.33 11.78
N LEU B 119 17.37 -9.30 11.19
CA LEU B 119 18.25 -10.23 11.90
C LEU B 119 19.22 -9.44 12.78
N ASP B 120 19.87 -8.43 12.16
CA ASP B 120 20.89 -7.59 12.78
C ASP B 120 20.35 -6.64 13.80
N ARG B 121 19.12 -6.10 13.61
CA ARG B 121 18.52 -5.19 14.58
C ARG B 121 18.01 -5.92 15.81
N LEU B 122 17.60 -7.22 15.63
CA LEU B 122 17.18 -8.08 16.71
C LEU B 122 18.36 -8.50 17.60
N SER B 123 19.53 -8.64 17.01
CA SER B 123 20.76 -9.00 17.74
C SER B 123 21.53 -7.76 18.23
N CYS B 124 21.09 -6.53 17.81
CA CYS B 124 21.69 -5.21 18.11
C CYS B 124 23.13 -5.16 17.68
N LEU B 125 23.42 -5.75 16.50
CA LEU B 125 24.75 -5.81 15.89
C LEU B 125 25.21 -4.40 15.65
N ASP B 126 26.48 -4.12 16.00
CA ASP B 126 27.16 -2.82 15.84
C ASP B 126 26.65 -1.77 16.81
N GLY B 127 26.09 -2.22 17.94
CA GLY B 127 25.63 -1.37 19.02
C GLY B 127 24.35 -0.60 18.79
N THR B 128 23.50 -1.09 17.86
CA THR B 128 22.23 -0.44 17.57
C THR B 128 21.29 -0.61 18.75
N PRO B 129 20.41 0.35 19.05
CA PRO B 129 19.52 0.15 20.22
C PRO B 129 18.49 -0.94 19.96
N PRO B 130 18.03 -1.67 20.99
CA PRO B 130 17.04 -2.72 20.75
C PRO B 130 15.76 -2.13 20.19
N LEU B 131 15.03 -2.93 19.41
CA LEU B 131 13.77 -2.50 18.83
C LEU B 131 12.71 -2.61 19.88
N SER B 132 11.86 -1.60 19.97
CA SER B 132 10.75 -1.60 20.91
C SER B 132 9.64 -2.58 20.42
N TRP B 133 8.73 -2.97 21.31
CA TRP B 133 7.59 -3.76 20.95
C TRP B 133 6.75 -3.09 19.87
N HIS B 134 6.56 -1.77 19.99
CA HIS B 134 5.80 -1.00 19.00
C HIS B 134 6.45 -1.03 17.61
N MET B 135 7.81 -0.90 17.52
CA MET B 135 8.61 -1.00 16.29
C MET B 135 8.40 -2.43 15.70
N ARG B 136 8.46 -3.46 16.58
CA ARG B 136 8.37 -4.86 16.22
C ARG B 136 7.02 -5.26 15.60
N CYS B 137 5.90 -4.70 16.10
CA CYS B 137 4.55 -4.90 15.57
C CYS B 137 4.42 -4.30 14.18
N LYS B 138 4.98 -3.11 13.95
CA LYS B 138 4.94 -2.43 12.66
C LYS B 138 5.78 -3.14 11.61
N ILE B 139 6.94 -3.71 12.02
CA ILE B 139 7.82 -4.46 11.13
C ILE B 139 7.10 -5.77 10.70
N ALA B 140 6.49 -6.48 11.64
CA ALA B 140 5.73 -7.72 11.39
C ALA B 140 4.56 -7.46 10.43
N GLN B 141 3.80 -6.37 10.64
CA GLN B 141 2.71 -5.90 9.78
C GLN B 141 3.21 -5.56 8.38
N GLY B 142 4.28 -4.74 8.31
CA GLY B 142 4.92 -4.35 7.06
C GLY B 142 5.39 -5.54 6.26
N ALA B 143 6.08 -6.50 6.91
CA ALA B 143 6.58 -7.72 6.27
C ALA B 143 5.43 -8.58 5.73
N ALA B 144 4.35 -8.75 6.50
CA ALA B 144 3.15 -9.50 6.08
C ALA B 144 2.46 -8.83 4.90
N ASN B 145 2.53 -7.49 4.80
CA ASN B 145 2.00 -6.70 3.66
C ASN B 145 2.81 -6.99 2.39
N GLY B 146 4.12 -7.13 2.54
CA GLY B 146 5.05 -7.42 1.45
C GLY B 146 4.88 -8.82 0.92
N ILE B 147 4.61 -9.80 1.80
CA ILE B 147 4.38 -11.19 1.43
C ILE B 147 3.00 -11.25 0.76
N ASN B 148 2.02 -10.50 1.28
CA ASN B 148 0.67 -10.41 0.71
C ASN B 148 0.71 -9.94 -0.73
N PHE B 149 1.53 -8.93 -1.05
CA PHE B 149 1.68 -8.42 -2.42
C PHE B 149 2.25 -9.48 -3.33
N LEU B 150 3.29 -10.20 -2.85
CA LEU B 150 3.93 -11.26 -3.61
C LEU B 150 2.91 -12.34 -3.94
N HIS B 151 2.14 -12.79 -2.94
CA HIS B 151 1.13 -13.85 -3.05
C HIS B 151 -0.05 -13.44 -3.95
N GLU B 152 -0.54 -12.18 -3.83
CA GLU B 152 -1.58 -11.62 -4.69
C GLU B 152 -1.11 -11.56 -6.15
N ASN B 153 0.21 -11.40 -6.38
CA ASN B 153 0.86 -11.35 -7.70
C ASN B 153 1.38 -12.72 -8.08
N HIS B 154 0.81 -13.78 -7.47
CA HIS B 154 1.09 -15.21 -7.70
C HIS B 154 2.58 -15.57 -7.69
N HIS B 155 3.29 -15.10 -6.66
CA HIS B 155 4.69 -15.40 -6.45
C HIS B 155 4.88 -16.05 -5.08
N ILE B 156 5.87 -16.95 -4.99
CA ILE B 156 6.30 -17.65 -3.78
C ILE B 156 7.75 -17.25 -3.67
N HIS B 157 8.10 -16.62 -2.54
CA HIS B 157 9.44 -16.12 -2.22
C HIS B 157 10.48 -17.25 -2.09
N ARG B 158 10.14 -18.30 -1.29
CA ARG B 158 10.97 -19.49 -1.02
C ARG B 158 12.17 -19.25 -0.09
N ASP B 159 12.35 -18.03 0.45
CA ASP B 159 13.43 -17.76 1.40
C ASP B 159 13.08 -16.62 2.39
N ILE B 160 11.89 -16.70 2.97
CA ILE B 160 11.43 -15.73 3.97
C ILE B 160 12.22 -16.00 5.26
N LYS B 161 13.02 -15.04 5.65
CA LYS B 161 13.88 -15.07 6.83
C LYS B 161 14.21 -13.63 7.25
N SER B 162 14.55 -13.42 8.52
CA SER B 162 14.89 -12.12 9.09
C SER B 162 16.08 -11.40 8.40
N ALA B 163 17.02 -12.15 7.79
CA ALA B 163 18.13 -11.52 7.05
C ALA B 163 17.65 -10.98 5.67
N ASN B 164 16.44 -11.43 5.24
CA ASN B 164 15.77 -11.01 3.99
C ASN B 164 14.62 -10.02 4.23
N ILE B 165 14.53 -9.45 5.46
CA ILE B 165 13.60 -8.39 5.80
C ILE B 165 14.49 -7.24 6.17
N LEU B 166 14.66 -6.30 5.22
CA LEU B 166 15.49 -5.10 5.38
C LEU B 166 14.67 -3.96 5.93
N LEU B 167 15.34 -3.02 6.64
CA LEU B 167 14.66 -1.91 7.35
C LEU B 167 15.16 -0.56 6.94
N ASP B 168 14.30 0.28 6.47
CA ASP B 168 14.77 1.59 6.09
C ASP B 168 14.85 2.53 7.33
N GLU B 169 15.09 3.82 7.12
CA GLU B 169 15.32 4.77 8.23
C GLU B 169 14.08 4.99 9.16
N ALA B 170 12.85 4.69 8.68
CA ALA B 170 11.58 4.76 9.40
C ALA B 170 11.17 3.39 9.97
N PHE B 171 12.02 2.37 9.74
CA PHE B 171 11.84 0.98 10.12
C PHE B 171 10.73 0.33 9.29
N THR B 172 10.61 0.76 8.03
CA THR B 172 9.65 0.21 7.08
C THR B 172 10.23 -1.13 6.63
N ALA B 173 9.50 -2.24 6.85
CA ALA B 173 9.96 -3.58 6.49
C ALA B 173 9.94 -3.72 4.97
N LYS B 174 11.05 -4.23 4.40
CA LYS B 174 11.24 -4.41 2.94
C LYS B 174 11.74 -5.82 2.67
N ILE B 175 10.88 -6.65 2.04
CA ILE B 175 11.19 -8.04 1.66
C ILE B 175 12.23 -7.95 0.52
N SER B 176 13.34 -8.70 0.64
CA SER B 176 14.42 -8.71 -0.35
C SER B 176 14.78 -10.15 -0.74
N ASP B 177 15.76 -10.32 -1.66
CA ASP B 177 16.28 -11.56 -2.26
C ASP B 177 15.18 -12.38 -2.94
N PHE B 178 14.90 -12.08 -4.21
CA PHE B 178 13.88 -12.75 -5.02
C PHE B 178 14.49 -13.72 -6.04
N GLY B 179 15.78 -14.05 -5.84
CA GLY B 179 16.55 -14.92 -6.72
C GLY B 179 16.07 -16.34 -6.88
N LEU B 180 15.23 -16.80 -5.91
CA LEU B 180 14.64 -18.15 -5.82
C LEU B 180 13.14 -18.12 -5.98
N ALA B 181 12.54 -16.94 -6.24
CA ALA B 181 11.10 -16.80 -6.36
C ALA B 181 10.47 -17.68 -7.47
N ARG B 182 9.19 -18.06 -7.33
CA ARG B 182 8.46 -18.88 -8.30
C ARG B 182 7.05 -18.39 -8.51
N ALA B 183 6.54 -18.46 -9.76
CA ALA B 183 5.14 -18.10 -10.09
C ALA B 183 4.09 -19.20 -9.68
N SER B 184 2.77 -18.88 -9.82
CA SER B 184 1.63 -19.75 -9.51
C SER B 184 0.56 -19.64 -10.60
N VAL B 191 2.48 -28.52 -6.54
CA VAL B 191 3.69 -28.47 -7.38
C VAL B 191 4.87 -29.15 -6.68
N MET B 192 5.77 -29.78 -7.46
CA MET B 192 6.95 -30.47 -6.94
C MET B 192 8.24 -30.04 -7.65
N TPO B 193 9.39 -30.30 -7.01
CA TPO B 193 10.73 -29.96 -7.52
CB TPO B 193 11.20 -28.49 -7.20
CG2 TPO B 193 11.32 -28.14 -5.67
OG1 TPO B 193 12.51 -28.19 -7.81
P TPO B 193 12.55 -27.62 -9.27
O1P TPO B 193 11.33 -26.76 -9.62
O2P TPO B 193 13.89 -26.90 -9.38
O3P TPO B 193 12.56 -28.81 -10.27
C TPO B 193 11.79 -30.92 -7.01
O TPO B 193 11.71 -31.40 -5.87
N SEP B 194 12.81 -31.19 -7.84
CA SEP B 194 13.94 -32.05 -7.46
CB SEP B 194 14.61 -32.74 -8.64
OG SEP B 194 14.94 -31.73 -9.62
C SEP B 194 14.97 -31.24 -6.69
O SEP B 194 15.59 -31.77 -5.77
P SEP B 194 14.73 -32.19 -11.10
O1P SEP B 194 13.34 -32.86 -11.37
O2P SEP B 194 14.76 -30.90 -12.00
O3P SEP B 194 15.89 -33.18 -11.41
N ARG B 195 15.15 -29.95 -7.08
CA ARG B 195 16.10 -29.02 -6.46
C ARG B 195 15.45 -28.25 -5.30
N ILE B 196 15.67 -28.75 -4.08
CA ILE B 196 15.16 -28.21 -2.82
C ILE B 196 16.07 -27.07 -2.35
N VAL B 197 15.49 -25.85 -2.24
CA VAL B 197 16.21 -24.63 -1.84
C VAL B 197 15.47 -23.83 -0.75
N GLY B 198 16.25 -23.03 -0.01
CA GLY B 198 15.78 -22.18 1.07
C GLY B 198 16.69 -22.30 2.27
N THR B 199 16.28 -21.70 3.41
CA THR B 199 17.04 -21.79 4.66
C THR B 199 16.36 -22.80 5.55
N THR B 200 17.10 -23.81 5.91
CA THR B 200 16.70 -25.00 6.66
C THR B 200 16.03 -24.67 8.02
N ALA B 201 16.54 -23.69 8.78
CA ALA B 201 15.95 -23.31 10.08
C ALA B 201 14.55 -22.65 9.91
N TYR B 202 14.19 -22.26 8.67
CA TYR B 202 12.94 -21.61 8.34
C TYR B 202 12.03 -22.42 7.42
N MET B 203 12.49 -23.57 6.89
CA MET B 203 11.68 -24.31 5.91
C MET B 203 10.52 -25.13 6.49
N ALA B 204 9.36 -25.07 5.84
CA ALA B 204 8.18 -25.86 6.22
C ALA B 204 8.49 -27.34 6.00
N PRO B 205 7.91 -28.28 6.79
CA PRO B 205 8.22 -29.72 6.58
C PRO B 205 8.04 -30.19 5.11
N GLU B 206 6.94 -29.77 4.47
CA GLU B 206 6.67 -30.09 3.06
C GLU B 206 7.65 -29.43 2.07
N ALA B 207 8.22 -28.26 2.42
CA ALA B 207 9.17 -27.57 1.57
C ALA B 207 10.50 -28.31 1.53
N LEU B 208 10.88 -28.93 2.65
CA LEU B 208 12.08 -29.77 2.77
C LEU B 208 11.86 -31.09 2.00
N ARG B 209 10.58 -31.41 1.70
CA ARG B 209 10.13 -32.61 0.96
C ARG B 209 9.96 -32.36 -0.54
N GLY B 210 10.21 -31.12 -0.98
CA GLY B 210 10.15 -30.76 -2.39
C GLY B 210 8.92 -30.05 -2.88
N GLU B 211 7.95 -29.75 -1.98
CA GLU B 211 6.73 -29.06 -2.40
C GLU B 211 6.98 -27.57 -2.62
N ILE B 212 6.28 -26.98 -3.62
CA ILE B 212 6.36 -25.56 -3.94
C ILE B 212 4.97 -25.00 -3.74
N THR B 213 4.79 -24.27 -2.62
CA THR B 213 3.50 -23.69 -2.22
C THR B 213 3.68 -22.36 -1.46
N PRO B 214 2.78 -21.38 -1.65
CA PRO B 214 2.88 -20.16 -0.83
C PRO B 214 2.54 -20.43 0.66
N LYS B 215 2.08 -21.65 0.99
CA LYS B 215 1.76 -22.08 2.35
C LYS B 215 3.06 -22.32 3.14
N SER B 216 4.18 -22.54 2.43
CA SER B 216 5.51 -22.73 2.99
C SER B 216 6.07 -21.38 3.49
N ASP B 217 5.82 -20.29 2.71
CA ASP B 217 6.21 -18.90 3.01
C ASP B 217 5.61 -18.45 4.36
N ILE B 218 4.41 -18.95 4.67
CA ILE B 218 3.70 -18.71 5.93
C ILE B 218 4.46 -19.37 7.08
N TYR B 219 4.92 -20.63 6.91
CA TYR B 219 5.69 -21.34 7.93
C TYR B 219 6.96 -20.59 8.29
N SER B 220 7.70 -20.11 7.26
CA SER B 220 8.95 -19.37 7.38
C SER B 220 8.72 -18.04 8.09
N PHE B 221 7.56 -17.39 7.84
CA PHE B 221 7.19 -16.13 8.46
C PHE B 221 6.87 -16.34 9.94
N GLY B 222 6.39 -17.54 10.27
CA GLY B 222 6.10 -17.97 11.63
C GLY B 222 7.35 -18.02 12.46
N VAL B 223 8.50 -18.42 11.83
CA VAL B 223 9.83 -18.45 12.46
C VAL B 223 10.33 -17.00 12.69
N VAL B 224 10.13 -16.12 11.69
CA VAL B 224 10.48 -14.69 11.70
C VAL B 224 9.77 -14.00 12.86
N LEU B 225 8.53 -14.37 13.14
CA LEU B 225 7.72 -13.85 14.24
C LEU B 225 8.22 -14.32 15.59
N LEU B 226 8.73 -15.56 15.71
CA LEU B 226 9.29 -16.05 16.96
C LEU B 226 10.59 -15.32 17.24
N GLU B 227 11.30 -14.90 16.18
CA GLU B 227 12.52 -14.11 16.28
C GLU B 227 12.21 -12.69 16.80
N ILE B 228 11.07 -12.12 16.41
CA ILE B 228 10.60 -10.79 16.78
C ILE B 228 10.19 -10.79 18.26
N ILE B 229 9.56 -11.89 18.73
CA ILE B 229 9.11 -12.04 20.13
C ILE B 229 10.28 -12.25 21.07
N THR B 230 11.22 -13.10 20.67
CA THR B 230 12.32 -13.56 21.50
C THR B 230 13.66 -12.86 21.32
N GLY B 231 13.91 -12.34 20.13
CA GLY B 231 15.18 -11.70 19.79
C GLY B 231 16.28 -12.73 19.63
N LEU B 232 15.89 -14.02 19.55
CA LEU B 232 16.83 -15.13 19.40
C LEU B 232 16.99 -15.52 17.93
N PRO B 233 18.15 -16.05 17.50
CA PRO B 233 18.27 -16.52 16.11
C PRO B 233 17.53 -17.82 15.89
N ALA B 234 17.12 -18.08 14.63
CA ALA B 234 16.37 -19.27 14.20
C ALA B 234 17.12 -20.57 14.51
N VAL B 235 18.45 -20.52 14.52
CA VAL B 235 19.28 -21.68 14.81
C VAL B 235 20.52 -21.26 15.60
N ASP B 236 20.73 -21.92 16.72
CA ASP B 236 21.89 -21.71 17.57
C ASP B 236 22.29 -23.11 18.02
N GLU B 237 23.39 -23.64 17.43
CA GLU B 237 23.89 -24.99 17.69
C GLU B 237 24.13 -25.27 19.19
N HIS B 238 24.53 -24.22 19.96
CA HIS B 238 24.78 -24.24 21.41
C HIS B 238 23.54 -23.75 22.19
N ARG B 239 22.36 -24.33 21.89
CA ARG B 239 21.10 -23.95 22.54
C ARG B 239 20.13 -25.12 22.60
N GLU B 240 19.34 -25.17 23.68
CA GLU B 240 18.29 -26.16 23.88
C GLU B 240 16.92 -25.46 23.85
N PRO B 241 16.14 -25.54 22.75
CA PRO B 241 16.39 -26.28 21.50
C PRO B 241 17.23 -25.51 20.47
N GLN B 242 17.94 -26.24 19.59
CA GLN B 242 18.80 -25.66 18.54
C GLN B 242 17.99 -24.84 17.52
N LEU B 243 16.82 -25.37 17.10
CA LEU B 243 15.93 -24.69 16.19
C LEU B 243 14.86 -23.97 16.99
N LEU B 244 14.73 -22.64 16.76
CA LEU B 244 13.78 -21.78 17.42
C LEU B 244 12.35 -22.26 17.25
N LEU B 245 12.01 -22.93 16.11
CA LEU B 245 10.66 -23.43 15.83
C LEU B 245 10.20 -24.50 16.87
N ASP B 246 11.16 -25.11 17.57
CA ASP B 246 10.94 -26.13 18.58
C ASP B 246 10.45 -25.57 19.91
N ILE B 247 10.67 -24.26 20.18
CA ILE B 247 10.17 -23.63 21.41
C ILE B 247 8.62 -23.72 21.45
N LYS B 248 7.97 -23.86 20.25
CA LYS B 248 6.52 -24.00 20.08
C LYS B 248 6.03 -25.22 20.85
N GLU B 249 6.75 -26.35 20.72
CA GLU B 249 6.44 -27.61 21.40
C GLU B 249 6.66 -27.51 22.90
N GLU B 250 7.77 -26.88 23.34
CA GLU B 250 8.08 -26.65 24.76
C GLU B 250 6.98 -25.86 25.48
N ILE B 251 6.36 -24.93 24.77
CA ILE B 251 5.30 -24.08 25.30
C ILE B 251 3.98 -24.87 25.37
N GLU B 252 3.62 -25.59 24.28
CA GLU B 252 2.43 -26.44 24.21
C GLU B 252 2.48 -27.54 25.30
N ASP B 253 3.67 -28.09 25.57
CA ASP B 253 3.93 -29.10 26.60
C ASP B 253 4.03 -28.53 28.01
N GLU B 254 3.83 -27.20 28.16
CA GLU B 254 3.96 -26.45 29.41
C GLU B 254 5.34 -26.63 30.09
N GLU B 255 6.38 -27.00 29.30
CA GLU B 255 7.78 -27.17 29.75
C GLU B 255 8.39 -25.79 30.03
N LYS B 256 7.92 -24.77 29.27
CA LYS B 256 8.30 -23.35 29.33
C LYS B 256 7.06 -22.51 28.94
N THR B 257 7.06 -21.21 29.27
CA THR B 257 5.92 -20.33 28.90
C THR B 257 6.39 -19.31 27.83
N ILE B 258 5.46 -18.53 27.27
CA ILE B 258 5.80 -17.46 26.34
C ILE B 258 6.62 -16.38 27.09
N GLU B 259 6.28 -16.08 28.38
CA GLU B 259 6.98 -15.13 29.25
C GLU B 259 8.48 -15.44 29.41
N ASP B 260 8.81 -16.74 29.44
CA ASP B 260 10.18 -17.22 29.56
C ASP B 260 11.02 -16.87 28.34
N TYR B 261 10.36 -16.75 27.18
CA TYR B 261 10.98 -16.54 25.89
C TYR B 261 10.92 -15.10 25.38
N ILE B 262 10.04 -14.25 25.92
CA ILE B 262 9.93 -12.84 25.52
C ILE B 262 11.30 -12.13 25.66
N ASP B 263 11.71 -11.39 24.59
CA ASP B 263 12.96 -10.62 24.58
C ASP B 263 12.95 -9.64 25.76
N LYS B 264 13.97 -9.74 26.60
CA LYS B 264 14.06 -8.88 27.80
C LYS B 264 14.63 -7.50 27.46
N LYS B 265 15.03 -7.28 26.19
CA LYS B 265 15.55 -6.00 25.70
C LYS B 265 14.40 -5.07 25.21
N MET B 266 13.22 -5.13 25.89
CA MET B 266 12.04 -4.29 25.63
C MET B 266 11.51 -3.86 26.97
N ASN B 267 10.86 -2.69 27.02
CA ASN B 267 10.19 -2.17 28.21
C ASN B 267 8.70 -1.86 27.92
N ASP B 268 8.31 -1.84 26.62
CA ASP B 268 6.96 -1.49 26.15
C ASP B 268 6.09 -2.68 25.68
N ALA B 269 6.53 -3.93 25.95
CA ALA B 269 5.86 -5.16 25.54
C ALA B 269 4.70 -5.63 26.43
N ASP B 270 3.47 -5.31 26.05
CA ASP B 270 2.29 -5.77 26.79
C ASP B 270 2.08 -7.26 26.51
N SER B 271 1.89 -8.07 27.58
CA SER B 271 1.73 -9.52 27.52
C SER B 271 0.58 -9.98 26.69
N THR B 272 -0.45 -9.13 26.51
CA THR B 272 -1.60 -9.48 25.68
C THR B 272 -1.19 -9.52 24.20
N SER B 273 -0.54 -8.44 23.70
CA SER B 273 -0.15 -8.37 22.29
C SER B 273 1.07 -9.25 21.95
N VAL B 274 1.90 -9.60 22.97
CA VAL B 274 3.03 -10.51 22.74
C VAL B 274 2.48 -11.91 22.47
N GLU B 275 1.55 -12.36 23.34
CA GLU B 275 0.83 -13.63 23.22
C GLU B 275 -0.07 -13.63 22.00
N ALA B 276 -0.53 -12.45 21.54
CA ALA B 276 -1.33 -12.34 20.31
C ALA B 276 -0.43 -12.58 19.11
N MET B 277 0.83 -12.09 19.15
CA MET B 277 1.77 -12.35 18.06
C MET B 277 2.24 -13.80 18.08
N TYR B 278 2.39 -14.41 19.28
CA TYR B 278 2.80 -15.80 19.43
C TYR B 278 1.77 -16.73 18.82
N SER B 279 0.48 -16.42 18.98
CA SER B 279 -0.67 -17.15 18.47
C SER B 279 -0.59 -17.20 16.94
N VAL B 280 -0.28 -16.05 16.30
CA VAL B 280 -0.12 -15.94 14.84
C VAL B 280 1.07 -16.79 14.38
N ALA B 281 2.20 -16.75 15.11
CA ALA B 281 3.39 -17.52 14.79
C ALA B 281 3.09 -19.01 14.91
N SER B 282 2.46 -19.44 16.03
CA SER B 282 2.05 -20.81 16.35
C SER B 282 1.17 -21.39 15.23
N GLN B 283 0.23 -20.59 14.69
CA GLN B 283 -0.68 -20.97 13.61
C GLN B 283 0.06 -21.10 12.26
N CYS B 284 1.01 -20.17 12.00
CA CYS B 284 1.86 -20.18 10.80
C CYS B 284 2.71 -21.45 10.81
N LEU B 285 3.12 -21.90 12.01
CA LEU B 285 3.98 -23.06 12.25
C LEU B 285 3.25 -24.40 12.36
N HIS B 286 2.08 -24.52 11.76
CA HIS B 286 1.35 -25.78 11.73
C HIS B 286 2.07 -26.75 10.79
N GLU B 287 2.15 -28.02 11.19
CA GLU B 287 2.82 -29.08 10.42
C GLU B 287 2.08 -29.31 9.10
N LYS B 288 0.73 -29.20 9.15
CA LYS B 288 -0.20 -29.38 8.02
C LYS B 288 -0.41 -28.06 7.30
N LYS B 289 0.15 -27.93 6.10
CA LYS B 289 0.08 -26.72 5.26
C LYS B 289 -1.32 -26.15 5.08
N ASN B 290 -2.34 -27.03 5.04
CA ASN B 290 -3.74 -26.63 4.82
C ASN B 290 -4.40 -26.08 6.08
N LYS B 291 -3.92 -26.49 7.28
CA LYS B 291 -4.45 -26.03 8.57
C LYS B 291 -3.85 -24.65 9.00
N ARG B 292 -2.91 -24.11 8.18
CA ARG B 292 -2.24 -22.82 8.34
C ARG B 292 -3.09 -21.66 7.81
N PRO B 293 -3.01 -20.44 8.41
CA PRO B 293 -3.76 -19.31 7.84
C PRO B 293 -3.07 -18.78 6.57
N ASP B 294 -3.85 -18.17 5.66
CA ASP B 294 -3.26 -17.56 4.46
C ASP B 294 -2.68 -16.18 4.85
N ILE B 295 -1.88 -15.56 3.96
CA ILE B 295 -1.23 -14.29 4.27
C ILE B 295 -2.26 -13.19 4.58
N LYS B 296 -3.47 -13.29 3.98
CA LYS B 296 -4.58 -12.36 4.21
C LYS B 296 -5.11 -12.45 5.64
N LYS B 297 -5.16 -13.67 6.21
CA LYS B 297 -5.57 -13.87 7.60
C LYS B 297 -4.45 -13.37 8.54
N VAL B 298 -3.17 -13.70 8.21
CA VAL B 298 -1.97 -13.27 8.93
C VAL B 298 -2.03 -11.72 9.10
N GLN B 299 -2.28 -11.01 7.98
CA GLN B 299 -2.45 -9.55 7.94
C GLN B 299 -3.52 -9.04 8.92
N GLN B 300 -4.72 -9.68 8.96
CA GLN B 300 -5.83 -9.30 9.83
C GLN B 300 -5.45 -9.53 11.29
N LEU B 301 -4.90 -10.70 11.57
CA LEU B 301 -4.49 -11.08 12.92
C LEU B 301 -3.44 -10.15 13.52
N LEU B 302 -2.47 -9.64 12.69
CA LEU B 302 -1.40 -8.71 13.09
C LEU B 302 -1.97 -7.31 13.30
N GLN B 303 -2.99 -6.96 12.50
CA GLN B 303 -3.71 -5.70 12.57
C GLN B 303 -4.56 -5.63 13.85
N GLU B 304 -5.21 -6.75 14.22
CA GLU B 304 -6.02 -6.92 15.43
C GLU B 304 -5.14 -6.72 16.68
N MET B 305 -3.89 -7.16 16.62
CA MET B 305 -2.88 -7.06 17.67
C MET B 305 -2.56 -5.60 18.10
N THR B 306 -2.72 -4.62 17.20
CA THR B 306 -2.47 -3.20 17.50
C THR B 306 -3.80 -2.40 17.60
N ALA B 307 -4.68 -2.82 18.54
CA ALA B 307 -5.99 -2.23 18.80
C ALA B 307 -6.30 -2.17 20.29
C1 ND2 C . -4.51 3.47 8.12
C3 ND2 C . -6.92 3.31 8.07
C7 ND2 C . -5.66 3.63 5.95
C9 ND2 C . -9.77 2.21 4.33
C10 ND2 C . -11.09 2.41 4.08
C12 ND2 C . -13.03 2.22 2.55
C14 ND2 C . -14.56 4.00 2.48
C16 ND2 C . -14.17 6.11 3.67
C19 ND2 C . -14.14 6.00 5.19
C20 ND2 C . -15.24 3.36 1.40
C22 ND2 C . -17.00 3.26 -0.13
C24 ND2 C . -15.36 1.47 -0.13
N26 ND2 C . -13.60 1.59 1.53
C27 ND2 C . -18.18 3.92 -0.77
N29 ND2 C . -19.55 4.62 -2.36
C31 ND2 C . -21.08 6.11 -0.97
C32 ND2 C . -19.09 4.76 -0.18
C33 ND2 C . -11.54 3.45 4.91
N2 ND2 C . -5.68 3.06 7.32
C4 ND2 C . -8.08 2.66 7.30
C5 ND2 C . -8.12 3.35 5.92
C6 ND2 C . -6.84 3.15 5.09
N8 ND2 C . -9.41 3.15 5.26
N11 ND2 C . -11.89 1.68 3.15
N13 ND2 C . -13.52 3.37 3.01
O15 ND2 C . -15.02 5.17 3.00
C17 ND2 C . -12.87 6.57 2.98
C18 ND2 C . -14.88 7.15 4.54
N21 ND2 C . -16.34 3.89 0.84
C23 ND2 C . -16.50 2.04 -0.64
C25 ND2 C . -14.70 2.12 0.93
C28 ND2 C . -18.50 3.87 -2.15
N30 ND2 C . -19.95 5.19 -1.14
N34 ND2 C . -10.53 3.90 5.61
C1 ND2 D . -36.87 4.22 -0.99
C3 ND2 D . -35.53 2.20 -0.99
C7 ND2 D . -37.16 2.66 -2.82
C9 ND2 D . -34.85 -0.93 -4.57
C10 ND2 D . -34.63 -2.26 -4.79
C12 ND2 D . -33.72 -2.28 -7.13
C14 ND2 D . -34.10 -0.49 -8.61
C16 ND2 D . -34.34 1.88 -8.24
C19 ND2 D . -34.90 2.15 -6.84
C20 ND2 D . -33.25 -1.13 -9.57
C22 ND2 D . -32.21 -1.20 -11.66
C24 ND2 D . -31.82 -3.04 -10.13
N26 ND2 D . -32.93 -2.91 -7.98
C27 ND2 D . -31.90 -0.55 -12.96
N29 ND2 D . -31.20 -0.25 -15.04
C31 ND2 D . -31.41 2.28 -15.20
C32 ND2 D . -31.94 0.80 -13.23
C33 ND2 D . -35.15 -2.95 -3.69
N2 ND2 D . -36.20 3.22 -1.84
C4 ND2 D . -34.92 1.04 -1.80
C5 ND2 D . -35.97 0.44 -2.74
C6 ND2 D . -36.56 1.52 -3.68
N8 ND2 D . -35.52 -0.80 -3.39
N11 ND2 D . -33.97 -2.87 -5.89
N13 ND2 D . -34.30 -1.11 -7.45
O15 ND2 D . -34.73 0.67 -8.90
C17 ND2 D . -32.92 2.35 -8.53
C18 ND2 D . -35.41 2.97 -8.03
N21 ND2 D . -33.00 -0.58 -10.78
C23 ND2 D . -31.61 -2.45 -11.36
C25 ND2 D . -32.66 -2.38 -9.20
C28 ND2 D . -31.41 -1.18 -14.13
N30 ND2 D . -31.52 0.99 -14.50
N34 ND2 D . -35.67 -2.08 -2.85
C1 ND2 E . -41.62 0.25 -0.63
C3 ND2 E . -40.01 -1.31 -1.62
C7 ND2 E . -41.62 -0.09 -3.02
C9 ND2 E . -38.53 -2.69 -6.02
C10 ND2 E . -37.68 -2.31 -7.03
C12 ND2 E . -36.74 -2.75 -9.31
C14 ND2 E . -36.93 -1.11 -11.03
C16 ND2 E . -36.89 1.11 -12.25
C19 ND2 E . -36.53 2.42 -11.56
C20 ND2 E . -36.10 -1.95 -11.85
C22 ND2 E . -34.99 -2.32 -13.88
C24 ND2 E . -34.79 -4.00 -12.14
N26 ND2 E . -35.95 -3.54 -10.05
C27 ND2 E . -34.75 -1.76 -15.24
N29 ND2 E . -34.16 -1.51 -17.34
C31 ND2 E . -35.04 0.87 -17.71
C32 ND2 E . -35.15 -0.51 -15.63
C33 ND2 E . -37.54 -0.92 -6.90
N2 ND2 E . -40.79 -0.06 -1.81
C4 ND2 E . -39.11 -1.64 -2.83
C5 ND2 E . -39.85 -1.53 -4.18
C6 ND2 E . -40.72 -0.26 -4.25
N8 ND2 E . -38.91 -1.59 -5.31
N11 ND2 E . -37.06 -3.15 -8.00
N13 ND2 E . -37.22 -1.59 -9.81
O15 ND2 E . -37.50 0.08 -11.42
C17 ND2 E . -37.53 1.26 -13.64
C18 ND2 E . -35.42 1.54 -12.10
N21 ND2 E . -35.78 -1.59 -13.10
C23 ND2 E . -34.49 -3.57 -13.43
C25 ND2 E . -35.62 -3.18 -11.31
C28 ND2 E . -34.13 -2.37 -16.35
N30 ND2 E . -34.79 -0.33 -16.92
N34 ND2 E . -38.27 -0.49 -5.92
C1 ND2 F . -43.37 -3.10 2.09
C3 ND2 F . -41.71 -4.36 0.83
C7 ND2 F . -44.07 -4.44 0.19
C9 ND2 F . -40.99 -6.04 -3.54
C10 ND2 F . -40.88 -5.60 -4.82
C12 ND2 F . -39.87 -5.67 -7.13
C14 ND2 F . -40.43 -4.14 -8.82
C16 ND2 F . -42.00 -2.22 -8.53
C19 ND2 F . -42.04 -0.76 -9.02
C20 ND2 F . -39.50 -4.78 -9.68
C22 ND2 F . -38.45 -4.98 -11.75
C24 ND2 F . -37.82 -6.54 -10.00
N26 ND2 F . -38.97 -6.29 -7.89
C27 ND2 F . -38.26 -4.44 -13.13
N29 ND2 F . -37.59 -4.23 -15.22
C31 ND2 F . -38.55 -1.92 -15.71
C32 ND2 F . -38.71 -3.23 -13.57
C33 ND2 F . -41.77 -4.52 -4.96
N2 ND2 F . -42.99 -3.62 0.77
C4 ND2 F . -41.23 -4.71 -0.59
C5 ND2 F . -42.31 -5.39 -1.47
C6 ND2 F . -43.74 -4.82 -1.27
N8 ND2 F . -41.90 -5.27 -2.88
N11 ND2 F . -40.04 -6.16 -5.82
N13 ND2 F . -40.59 -4.63 -7.59
O15 ND2 F . -41.17 -3.10 -9.32
C17 ND2 F . -43.33 -2.78 -8.03
C18 ND2 F . -41.32 -1.11 -7.72
N21 ND2 F . -39.31 -4.37 -10.94
C23 ND2 F . -37.67 -6.07 -11.29
C25 ND2 F . -38.76 -5.89 -9.16
C28 ND2 F . -37.54 -5.03 -14.19
N30 ND2 F . -38.30 -3.08 -14.85
N34 ND2 F . -42.36 -4.31 -3.81
C1 ND2 G . -43.11 -11.70 -1.07
C3 ND2 G . -43.77 -9.94 -2.64
C7 ND2 G . -41.56 -11.04 -2.85
C9 ND2 G . -42.69 -7.89 -6.66
C10 ND2 G . -42.51 -7.93 -8.02
C12 ND2 G . -42.41 -6.64 -10.21
C14 ND2 G . -41.34 -7.31 -12.22
C16 ND2 G . -39.96 -8.43 -14.09
C19 ND2 G . -38.95 -9.58 -14.13
C20 ND2 G . -41.73 -6.05 -12.80
C22 ND2 G . -41.80 -4.51 -14.56
C24 ND2 G . -42.84 -3.87 -12.49
N26 ND2 G . -42.78 -5.47 -10.72
C27 ND2 G . -41.41 -4.17 -15.95
N29 ND2 G . -40.44 -4.29 -17.93
C31 ND2 G . -41.25 -2.05 -18.89
C32 ND2 G . -41.74 -3.02 -16.63
C33 ND2 G . -42.00 -9.20 -8.32
N2 ND2 G . -42.99 -11.18 -2.45
C4 ND2 G . -43.77 -9.54 -4.13
C5 ND2 G . -42.32 -9.41 -4.68
C6 ND2 G . -41.46 -10.66 -4.34
N8 ND2 G . -42.31 -9.07 -6.12
N11 ND2 G . -42.83 -6.86 -8.90
N13 ND2 G . -41.73 -7.53 -10.95
O15 ND2 G . -40.66 -8.33 -12.82
C17 ND2 G . -40.80 -8.33 -15.37
C18 ND2 G . -38.46 -8.13 -14.16
N21 ND2 G . -41.42 -5.68 -14.06
C23 ND2 G . -42.51 -3.57 -13.78
C25 ND2 G . -42.46 -5.13 -11.98
C28 ND2 G . -40.58 -4.94 -16.81
N30 ND2 G . -41.15 -3.07 -17.85
N34 ND2 G . -41.88 -9.88 -7.20
C1 ND2 H . 25.16 1.35 12.95
C3 ND2 H . 25.65 0.30 10.89
C7 ND2 H . 23.27 0.43 11.67
C9 ND2 H . 22.94 -0.96 7.26
C10 ND2 H . 22.99 -1.78 6.16
C12 ND2 H . 22.01 -2.55 3.96
C14 ND2 H . 22.03 -4.81 3.31
C16 ND2 H . 23.08 -6.42 4.77
C19 ND2 H . 24.59 -6.10 4.82
C20 ND2 H . 21.29 -4.50 2.15
C22 ND2 H . 20.23 -5.13 0.16
C24 ND2 H . 20.19 -2.81 0.81
N26 ND2 H . 21.33 -2.21 2.87
C27 ND2 H . 19.78 -6.23 -0.72
N29 ND2 H . 18.46 -7.43 -2.04
C31 ND2 H . 19.92 -9.48 -2.31
C32 ND2 H . 20.42 -7.41 -0.96
C33 ND2 H . 23.80 -2.87 6.51
N2 ND2 H . 24.62 1.07 11.61
C4 ND2 H . 25.12 -0.03 9.49
C5 ND2 H . 23.99 -1.06 9.64
C6 ND2 H . 22.83 -0.43 10.44
N8 ND2 H . 23.65 -1.56 8.29
N11 ND2 H . 22.36 -1.59 4.91
N13 ND2 H . 22.34 -3.81 4.15
O15 ND2 H . 22.35 -6.11 3.58
C17 ND2 H . 22.26 -6.33 6.07
C18 ND2 H . 24.14 -7.54 4.63
N21 ND2 H . 20.93 -5.43 1.26
C23 ND2 H . 19.83 -3.79 -0.08
C25 ND2 H . 20.94 -3.14 1.96
C28 ND2 H . 18.54 -6.28 -1.40
N30 ND2 H . 19.63 -8.15 -1.78
N34 ND2 H . 24.19 -2.74 7.75
C1 ND2 I . 22.91 -14.41 -17.29
C3 ND2 I . 23.40 -12.04 -17.19
C7 ND2 I . 21.66 -12.95 -18.72
C9 ND2 I . 20.13 -8.69 -18.56
C10 ND2 I . 20.10 -7.35 -18.79
C12 ND2 I . 17.68 -6.74 -18.50
C14 ND2 I . 15.98 -8.29 -18.07
C16 ND2 I . 16.23 -10.81 -18.00
C19 ND2 I . 17.61 -10.91 -18.68
C20 ND2 I . 15.04 -7.21 -18.07
C22 ND2 I . 12.85 -6.40 -17.89
C24 ND2 I . 14.59 -4.81 -18.31
N26 ND2 I . 16.84 -5.70 -18.52
C27 ND2 I . 11.41 -6.71 -17.66
N29 ND2 I . 9.22 -6.46 -17.45
C31 ND2 I . 8.63 -8.88 -16.89
C32 ND2 I . 10.90 -7.94 -17.35
C33 ND2 I . 21.42 -6.94 -19.04
N2 ND2 I . 22.35 -13.07 -17.42
C4 ND2 I . 22.77 -10.65 -17.24
C5 ND2 I . 22.00 -10.45 -18.56
C6 ND2 I . 20.99 -11.58 -18.84
N8 ND2 I . 21.43 -9.10 -18.67
N11 ND2 I . 19.01 -6.46 -18.77
N13 ND2 I . 17.27 -7.99 -18.27
O15 ND2 I . 15.53 -9.56 -17.80
C17 ND2 I . 15.92 -11.84 -16.93
C18 ND2 I . 16.35 -11.34 -19.43
N21 ND2 I . 13.72 -7.41 -17.86
C23 ND2 I . 13.27 -5.07 -18.07
C25 ND2 I . 15.53 -5.89 -18.31
C28 ND2 I . 10.32 -5.80 -17.72
N30 ND2 I . 9.56 -7.80 -17.22
N34 ND2 I . 22.21 -7.97 -18.98
C1 ND2 J . 23.95 -12.17 -22.07
C3 ND2 J . 22.89 -9.97 -22.40
C7 ND2 J . 21.60 -12.06 -22.65
C9 ND2 J . 18.70 -7.83 -22.11
C10 ND2 J . 17.35 -7.73 -21.97
C12 ND2 J . 15.15 -6.59 -21.63
C14 ND2 J . 13.14 -7.84 -21.39
C16 ND2 J . 12.88 -10.31 -21.04
C19 ND2 J . 13.87 -11.03 -21.96
C20 ND2 J . 12.42 -6.62 -21.37
C22 ND2 J . 10.38 -5.51 -21.19
C24 ND2 J . 12.38 -4.17 -21.43
N26 ND2 J . 14.49 -5.42 -21.59
C27 ND2 J . 8.91 -5.67 -21.05
N29 ND2 J . 6.74 -5.28 -21.12
C31 ND2 J . 5.91 -7.51 -20.17
C32 ND2 J . 8.27 -6.79 -20.57
C33 ND2 J . 16.84 -9.03 -22.08
N2 ND2 J . 22.72 -11.38 -21.97
C4 ND2 J . 21.62 -9.13 -22.10
C5 ND2 J . 20.33 -9.83 -22.59
C6 ND2 J . 20.27 -11.35 -22.33
N8 ND2 J . 19.02 -9.16 -22.31
N11 ND2 J . 16.55 -6.56 -21.74
N13 ND2 J . 14.47 -7.76 -21.52
O15 ND2 J . 12.41 -8.99 -21.34
C17 ND2 J . 12.79 -10.72 -19.55
C18 ND2 J . 12.38 -11.38 -22.02
N21 ND2 J . 11.09 -6.63 -21.24
C23 ND2 J . 11.01 -4.25 -21.29
C25 ND2 J . 13.14 -5.39 -21.48
C28 ND2 J . 7.90 -4.75 -21.40
N30 ND2 J . 6.95 -6.57 -20.60
N34 ND2 J . 17.81 -9.86 -22.29
C1 ND2 K . 26.97 -6.44 -25.23
C3 ND2 K . 24.89 -7.72 -25.35
C7 ND2 K . 24.88 -5.39 -24.51
C9 ND2 K . 20.36 -7.60 -25.17
C10 ND2 K . 19.09 -7.12 -25.34
C12 ND2 K . 16.61 -7.52 -25.37
C14 ND2 K . 15.07 -5.77 -25.38
C16 ND2 K . 15.16 -3.42 -24.62
C19 ND2 K . 16.51 -2.74 -24.92
C20 ND2 K . 14.02 -6.69 -25.18
C22 ND2 K . 11.76 -7.13 -24.93
C24 ND2 K . 13.30 -9.00 -24.85
N26 ND2 K . 15.65 -8.44 -25.15
C27 ND2 K . 10.39 -6.56 -24.87
N29 ND2 K . 8.20 -6.38 -24.70
C31 ND2 K . 7.99 -3.84 -24.96
C32 ND2 K . 10.07 -5.23 -25.00
C33 ND2 K . 19.19 -5.72 -25.30
N2 ND2 K . 25.51 -6.37 -25.41
C4 ND2 K . 23.40 -7.64 -25.70
C5 ND2 K . 22.67 -6.62 -24.78
C6 ND2 K . 23.37 -5.25 -24.75
N8 ND2 K . 21.22 -6.54 -25.03
N11 ND2 K . 17.94 -7.94 -25.53
N13 ND2 K . 16.31 -6.23 -25.52
O15 ND2 K . 14.79 -4.45 -25.55
C17 ND2 K . 14.00 -2.53 -24.18
C18 ND2 K . 16.36 -3.61 -23.67
N21 ND2 K . 12.76 -6.28 -25.10
C23 ND2 K . 12.01 -8.53 -24.80
C25 ND2 K . 14.36 -8.08 -25.05
C28 ND2 K . 9.16 -7.25 -24.68
N30 ND2 K . 8.73 -5.10 -24.89
N34 ND2 K . 20.44 -5.38 -25.10
C1 ND2 L . 25.92 -2.57 -27.33
C3 ND2 L . 25.22 -4.45 -28.64
C7 ND2 L . 23.55 -3.03 -27.55
C9 ND2 L . 20.60 -6.19 -29.05
C10 ND2 L . 20.30 -7.51 -28.85
C12 ND2 L . 17.79 -7.47 -28.75
C14 ND2 L . 16.54 -5.49 -28.99
C16 ND2 L . 15.66 -3.13 -29.34
C19 ND2 L . 16.13 -1.79 -28.75
C20 ND2 L . 15.33 -6.27 -28.81
C22 ND2 L . 13.00 -6.49 -28.66
C24 ND2 L . 14.32 -8.48 -28.43
N26 ND2 L . 16.71 -8.22 -28.57
C27 ND2 L . 11.67 -5.81 -28.69
N29 ND2 L . 9.49 -5.47 -28.67
C31 ND2 L . 9.48 -2.92 -28.90
C32 ND2 L . 11.47 -4.46 -28.81
C33 ND2 L . 21.52 -8.21 -28.80
N2 ND2 L . 24.87 -3.09 -28.21
C4 ND2 L . 24.22 -5.01 -29.68
C5 ND2 L . 22.71 -4.79 -29.34
C6 ND2 L . 22.37 -3.62 -28.36
N8 ND2 L . 21.95 -6.05 -29.11
N11 ND2 L . 19.02 -8.12 -28.70
N13 ND2 L . 17.70 -6.15 -28.95
O15 ND2 L . 16.67 -4.15 -29.24
C17 ND2 L . 14.83 -3.04 -30.61
C18 ND2 L . 15.00 -2.58 -28.08
N21 ND2 L . 14.10 -5.75 -28.84
C23 ND2 L . 13.09 -7.88 -28.44
C25 ND2 L . 15.48 -7.68 -28.61
C28 ND2 L . 10.40 -6.42 -28.60
N30 ND2 L . 10.13 -4.23 -28.80
N34 ND2 L . 22.49 -7.35 -28.97
#